data_5O5P
#
_entry.id   5O5P
#
_cell.length_a   1.0
_cell.length_b   1.0
_cell.length_c   1.0
_cell.angle_alpha   90.0
_cell.angle_beta   90.0
_cell.angle_gamma   90.0
#
_symmetry.space_group_name_H-M   'P 1'
#
loop_
_entity.id
_entity.type
_entity.pdbx_description
1 polymer 'Capsid proteins, VP1'
2 polymer 'Capsid proteins, VP2'
3 polymer 'Capsid proteins, VP3'
4 polymer 'Capsid proteins,  VP4'
5 non-polymer 1-[5-[4-(ethoxyiminomethyl)phenoxy]-3-methyl-pentyl]-3-pyridin-4-yl-imidazol-2-one
#
loop_
_entity_poly.entity_id
_entity_poly.type
_entity_poly.pdbx_seq_one_letter_code
_entity_poly.pdbx_strand_id
1 'polypeptide(L)'
;GIEDLITEVAQGALTLSLPKQQDSLPDTKASGPAHSKEVPALTAVETGATNPLVPSDTVQTRHVIQRRSRSESTIESFFA
RGACVAIIEVDNEEPTTRAQKLFAMWRITYKDTVQLRRKLEFFTYSRFDMELTFVVTANFTNTNNGHALNQVYQIMYIPP
GAPTPKSWDDYTWQTSSNPSIFYTYGAAPARISVPYVGLANAYSHFYDGFAKVPLKTDANDQIGDSLYSAMTVDDFGVLA
IRVVNDHNPTKVTSKVRIYMKPKHVRVWCPRPPRAVPYYGPGVDYKDNLNPLSEKGLTTY
;
1
2 'polypeptide(L)'
;SPNVEACGYSDRVLQLTIGNSTITTQEAANSVVAYGRWPEFIRDDEANPVDQPTEPDVATCRFYTLDTVMWGKESKGWWW
KLPDALRDMGLFGQNMYYHYLGRSGYTVHVQCNASKFHQGALGVFAIPEYCLAGDSDKQRYTSYANANPGEKGGKFYSQF
NRDTAVTSPKREFCPVDYLLGCGVLLGNAFVYPHQIINLRTNNSATIVLPYVNAMAIDSMVKHNNWGIAILPLSPLDFAQ
ESSVEIPITVTIAPMCSEFNGLRNVTAPKFQ
;
2
3 'polypeptide(L)'
;GLPVLNTPGSNQYLTSDNYQSPCAIPEFDVTPPIDIPGEVKNMMELAEIDTMIPLNLENTKRNTMDMYRVTLSDSADLSQ
PILCFSLSPASDPRLSHTMLGEVLNYYTHWAGSLKFTFLFCGSMMATGKILVAYAPPGAQPPTSRKEAMLGTHVIWDLGL
QSSCTMVVPWISNVTYRQTTQDSFTEGGYISMFYQTRIVVPLSTPKSMSMLGFVSACNDFSVRLLRDTTHISQSALPQ
;
3
4 'polypeptide(L)' MGAQVSSQKVGAHENSNRAYGGSTINYTTINYYKDSASNAASKQDYSQDPSKFTEPLKDVLIKTAPALN 4
#
loop_
_chem_comp.id
_chem_comp.type
_chem_comp.name
_chem_comp.formula
9LW non-polymer 1-[5-[4-(ethoxyiminomethyl)phenoxy]-3-methyl-pentyl]-3-pyridin-4-yl-imidazol-2-one 'C23 H28 N4 O3'
#
# COMPACT_ATOMS: atom_id res chain seq x y z
N GLN A 66 -20.02 19.27 -17.57
CA GLN A 66 -19.90 17.86 -17.26
C GLN A 66 -20.86 17.45 -16.13
N ARG A 67 -21.05 18.36 -15.16
CA ARG A 67 -22.08 18.28 -14.11
C ARG A 67 -21.95 17.02 -13.25
N ARG A 68 -20.74 16.51 -13.08
CA ARG A 68 -20.50 15.37 -12.19
C ARG A 68 -19.60 15.88 -11.06
N SER A 69 -20.19 16.11 -9.90
CA SER A 69 -19.49 16.66 -8.74
C SER A 69 -18.52 15.62 -8.20
N ARG A 70 -17.24 15.81 -8.50
CA ARG A 70 -16.23 14.88 -8.01
C ARG A 70 -15.93 15.07 -6.53
N SER A 71 -16.34 16.21 -5.96
CA SER A 71 -15.98 16.61 -4.61
C SER A 71 -16.57 15.75 -3.52
N GLU A 72 -17.42 14.78 -3.83
CA GLU A 72 -17.91 13.86 -2.80
C GLU A 72 -16.83 12.86 -2.39
N SER A 73 -15.85 12.60 -3.24
CA SER A 73 -14.83 11.61 -2.96
C SER A 73 -13.44 12.24 -2.87
N THR A 74 -13.34 13.45 -2.33
CA THR A 74 -12.03 14.02 -2.09
C THR A 74 -11.39 13.39 -0.86
N ILE A 75 -10.13 13.74 -0.64
CA ILE A 75 -9.34 13.13 0.42
C ILE A 75 -9.86 13.55 1.78
N GLU A 76 -10.29 14.81 1.91
CA GLU A 76 -10.90 15.26 3.16
C GLU A 76 -12.24 14.56 3.40
N SER A 77 -12.93 14.17 2.33
CA SER A 77 -14.16 13.42 2.49
C SER A 77 -13.94 11.92 2.53
N PHE A 78 -12.76 11.44 2.13
CA PHE A 78 -12.52 10.01 2.18
C PHE A 78 -12.19 9.55 3.58
N PHE A 79 -11.55 10.41 4.37
CA PHE A 79 -11.29 10.13 5.78
C PHE A 79 -12.22 10.90 6.69
N ALA A 80 -13.35 11.40 6.16
CA ALA A 80 -14.24 12.21 6.97
C ALA A 80 -14.99 11.38 8.01
N ARG A 81 -15.37 10.15 7.64
CA ARG A 81 -16.00 9.27 8.61
C ARG A 81 -14.94 8.79 9.59
N GLY A 82 -15.24 8.89 10.88
CA GLY A 82 -14.34 8.44 11.93
C GLY A 82 -14.79 7.08 12.45
N ALA A 83 -13.82 6.25 12.82
CA ALA A 83 -14.11 4.88 13.23
C ALA A 83 -13.57 4.62 14.64
N CYS A 84 -13.65 3.36 15.06
CA CYS A 84 -13.16 2.91 16.36
C CYS A 84 -11.73 2.42 16.25
N VAL A 85 -10.97 2.58 17.33
CA VAL A 85 -9.58 2.12 17.30
C VAL A 85 -9.29 1.13 18.42
N ALA A 86 -10.04 1.18 19.53
CA ALA A 86 -9.69 0.34 20.66
C ALA A 86 -10.88 0.19 21.59
N ILE A 87 -10.71 -0.70 22.57
CA ILE A 87 -11.64 -0.91 23.68
C ILE A 87 -10.81 -1.10 24.93
N ILE A 88 -11.06 -0.29 25.96
CA ILE A 88 -10.26 -0.28 27.17
C ILE A 88 -11.18 -0.54 28.36
N GLU A 89 -10.81 -1.53 29.18
CA GLU A 89 -11.55 -1.86 30.39
C GLU A 89 -11.12 -0.97 31.53
N VAL A 90 -12.00 -0.87 32.54
CA VAL A 90 -11.69 -0.23 33.82
C VAL A 90 -12.66 -0.76 34.87
N ASP A 91 -12.14 -1.12 36.04
CA ASP A 91 -12.95 -1.71 37.11
C ASP A 91 -12.78 -0.90 38.39
N ASN A 92 -13.48 -1.30 39.44
CA ASN A 92 -13.41 -0.61 40.73
C ASN A 92 -13.69 -1.63 41.84
N GLU A 93 -12.63 -2.21 42.39
CA GLU A 93 -12.74 -3.08 43.56
C GLU A 93 -11.40 -3.07 44.30
N GLU A 94 -11.28 -3.93 45.30
CA GLU A 94 -10.01 -4.08 45.99
C GLU A 94 -9.02 -4.85 45.11
N PRO A 95 -7.72 -4.60 45.27
CA PRO A 95 -6.73 -5.38 44.52
C PRO A 95 -6.64 -6.81 45.04
N THR A 96 -7.19 -7.76 44.28
CA THR A 96 -7.22 -9.15 44.68
C THR A 96 -6.02 -9.88 44.10
N THR A 97 -6.04 -11.21 44.16
CA THR A 97 -5.03 -12.04 43.52
C THR A 97 -5.25 -12.20 42.02
N ARG A 98 -6.36 -11.68 41.49
CA ARG A 98 -6.63 -11.69 40.07
C ARG A 98 -5.93 -10.51 39.40
N ALA A 99 -6.30 -10.23 38.16
CA ALA A 99 -5.76 -9.09 37.44
C ALA A 99 -6.25 -7.79 38.06
N GLN A 100 -5.32 -6.95 38.53
CA GLN A 100 -5.68 -5.69 39.14
C GLN A 100 -6.10 -4.69 38.06
N LYS A 101 -7.38 -4.62 37.76
CA LYS A 101 -7.90 -3.70 36.77
C LYS A 101 -8.35 -2.39 37.40
N LEU A 102 -7.49 -1.78 38.21
CA LEU A 102 -7.78 -0.48 38.78
C LEU A 102 -7.60 0.64 37.78
N PHE A 103 -6.80 0.41 36.74
CA PHE A 103 -6.52 1.37 35.69
C PHE A 103 -5.88 0.62 34.56
N ALA A 104 -6.14 1.05 33.33
CA ALA A 104 -5.63 0.34 32.16
C ALA A 104 -4.93 1.32 31.24
N MET A 105 -3.74 0.94 30.80
CA MET A 105 -2.97 1.73 29.85
C MET A 105 -3.17 1.15 28.46
N TRP A 106 -3.12 2.04 27.47
CA TRP A 106 -3.30 1.65 26.08
C TRP A 106 -2.19 2.25 25.24
N ARG A 107 -1.50 1.40 24.49
CA ARG A 107 -0.49 1.89 23.56
C ARG A 107 -1.19 2.58 22.41
N ILE A 108 -0.80 3.84 22.15
CA ILE A 108 -1.46 4.62 21.12
C ILE A 108 -0.98 4.13 19.77
N THR A 109 -1.88 3.56 18.99
CA THR A 109 -1.57 3.17 17.61
C THR A 109 -2.88 3.15 16.83
N TYR A 110 -2.75 3.12 15.51
CA TYR A 110 -3.91 2.94 14.67
C TYR A 110 -4.18 1.48 14.36
N LYS A 111 -3.16 0.64 14.43
CA LYS A 111 -3.26 -0.74 13.92
C LYS A 111 -3.77 -1.71 14.97
N ASP A 112 -4.87 -1.35 15.61
CA ASP A 112 -5.51 -2.22 16.57
C ASP A 112 -6.89 -2.66 16.12
N THR A 113 -7.45 -2.04 15.09
CA THR A 113 -8.65 -2.50 14.42
C THR A 113 -8.33 -2.79 12.96
N VAL A 114 -9.37 -3.11 12.20
CA VAL A 114 -9.21 -3.42 10.79
C VAL A 114 -10.03 -2.53 9.87
N GLN A 115 -10.98 -1.74 10.39
CA GLN A 115 -11.66 -0.78 9.53
C GLN A 115 -10.70 0.33 9.10
N LEU A 116 -9.84 0.77 10.00
CA LEU A 116 -9.06 1.97 9.75
C LEU A 116 -7.64 1.66 9.27
N ARG A 117 -7.09 0.50 9.65
CA ARG A 117 -5.75 0.15 9.24
C ARG A 117 -5.64 -0.01 7.74
N ARG A 118 -6.57 -0.77 7.17
CA ARG A 118 -6.57 -0.96 5.73
C ARG A 118 -7.02 0.29 5.00
N LYS A 119 -7.71 1.21 5.69
CA LYS A 119 -8.12 2.45 5.04
C LYS A 119 -7.00 3.47 5.03
N LEU A 120 -6.09 3.43 6.01
CA LEU A 120 -4.93 4.31 6.00
C LEU A 120 -3.78 3.76 5.18
N GLU A 121 -3.63 2.44 5.10
CA GLU A 121 -2.45 1.85 4.48
C GLU A 121 -2.59 1.70 2.97
N PHE A 122 -3.46 2.48 2.34
CA PHE A 122 -3.32 2.72 0.91
C PHE A 122 -2.12 3.58 0.58
N PHE A 123 -1.61 4.33 1.56
CA PHE A 123 -0.75 5.47 1.30
C PHE A 123 0.54 5.33 2.09
N THR A 124 1.65 5.63 1.43
CA THR A 124 2.96 5.43 2.05
C THR A 124 3.26 6.54 3.07
N TYR A 125 3.30 7.78 2.62
CA TYR A 125 3.58 8.90 3.50
C TYR A 125 2.34 9.78 3.62
N SER A 126 2.09 10.27 4.83
CA SER A 126 0.91 11.10 5.07
C SER A 126 1.14 11.98 6.27
N ARG A 127 0.51 13.16 6.25
CA ARG A 127 0.44 14.02 7.40
C ARG A 127 -0.99 14.54 7.52
N PHE A 128 -1.50 14.55 8.75
CA PHE A 128 -2.90 14.89 9.00
C PHE A 128 -3.08 15.17 10.48
N ASP A 129 -4.01 16.07 10.78
CA ASP A 129 -4.35 16.39 12.15
C ASP A 129 -5.35 15.37 12.69
N MET A 130 -5.45 15.31 14.01
CA MET A 130 -6.13 14.22 14.69
C MET A 130 -7.28 14.76 15.52
N GLU A 131 -8.38 14.01 15.58
CA GLU A 131 -9.49 14.32 16.47
C GLU A 131 -10.00 13.05 17.12
N LEU A 132 -10.10 13.07 18.44
CA LEU A 132 -10.53 11.93 19.23
C LEU A 132 -11.94 12.13 19.73
N THR A 133 -12.49 11.07 20.31
CA THR A 133 -13.83 11.06 20.88
C THR A 133 -13.92 9.87 21.84
N PHE A 134 -14.39 10.12 23.06
CA PHE A 134 -14.47 9.11 24.09
C PHE A 134 -15.92 8.75 24.36
N VAL A 135 -16.21 7.46 24.43
CA VAL A 135 -17.54 6.96 24.73
C VAL A 135 -17.45 6.01 25.92
N VAL A 136 -18.28 6.23 26.93
CA VAL A 136 -18.17 5.53 28.20
C VAL A 136 -19.49 4.84 28.51
N THR A 137 -19.45 3.53 28.71
CA THR A 137 -20.60 2.76 29.18
C THR A 137 -20.22 2.00 30.44
N ALA A 138 -21.23 1.55 31.19
CA ALA A 138 -21.00 0.86 32.44
C ALA A 138 -22.07 -0.21 32.66
N ASN A 139 -21.84 -1.04 33.66
CA ASN A 139 -22.69 -2.20 33.92
C ASN A 139 -22.73 -2.45 35.43
N PHE A 140 -23.15 -3.64 35.82
CA PHE A 140 -23.07 -4.11 37.19
C PHE A 140 -22.60 -5.56 37.16
N THR A 141 -22.36 -6.12 38.35
CA THR A 141 -21.96 -7.51 38.47
C THR A 141 -22.84 -8.34 39.41
N ASN A 142 -23.82 -7.72 40.08
CA ASN A 142 -24.68 -8.43 41.02
C ASN A 142 -26.12 -8.02 40.77
N THR A 143 -27.03 -8.95 41.04
CA THR A 143 -28.44 -8.83 40.65
C THR A 143 -29.15 -7.69 41.37
N ASN A 144 -29.32 -7.80 42.67
CA ASN A 144 -29.97 -6.76 43.46
C ASN A 144 -28.92 -5.89 44.14
N ASN A 145 -28.13 -5.22 43.31
CA ASN A 145 -27.03 -4.42 43.82
C ASN A 145 -27.57 -3.13 44.41
N GLY A 146 -26.85 -2.62 45.40
CA GLY A 146 -27.15 -1.29 45.92
C GLY A 146 -26.90 -0.24 44.87
N HIS A 147 -27.78 0.76 44.85
CA HIS A 147 -27.79 1.75 43.79
C HIS A 147 -26.60 2.69 43.99
N ALA A 148 -25.59 2.60 43.13
CA ALA A 148 -24.39 3.39 43.26
C ALA A 148 -24.55 4.73 42.56
N LEU A 149 -23.63 5.64 42.86
CA LEU A 149 -23.74 7.02 42.37
C LEU A 149 -23.14 7.16 40.98
N ASN A 150 -23.15 8.39 40.49
CA ASN A 150 -22.53 8.74 39.23
C ASN A 150 -21.01 8.78 39.40
N GLN A 151 -20.29 8.57 38.31
CA GLN A 151 -18.85 8.39 38.35
C GLN A 151 -18.14 9.44 37.51
N VAL A 152 -16.85 9.60 37.78
CA VAL A 152 -16.00 10.55 37.07
C VAL A 152 -14.78 9.81 36.55
N TYR A 153 -14.62 9.76 35.23
CA TYR A 153 -13.50 9.09 34.60
C TYR A 153 -12.45 10.09 34.18
N GLN A 154 -11.19 9.77 34.43
CA GLN A 154 -10.08 10.66 34.13
C GLN A 154 -9.24 10.05 33.02
N ILE A 155 -9.39 10.57 31.81
CA ILE A 155 -8.52 10.20 30.70
C ILE A 155 -7.31 11.11 30.74
N MET A 156 -6.14 10.52 30.97
CA MET A 156 -4.90 11.27 31.11
C MET A 156 -3.92 10.85 30.04
N TYR A 157 -3.56 11.80 29.18
CA TYR A 157 -2.58 11.56 28.13
C TYR A 157 -1.17 11.62 28.69
N ILE A 158 -0.30 10.76 28.17
CA ILE A 158 1.09 10.70 28.63
C ILE A 158 2.01 10.62 27.41
N PRO A 159 2.88 11.60 27.22
CA PRO A 159 3.88 11.53 26.15
C PRO A 159 5.01 10.61 26.54
N PRO A 160 5.89 10.24 25.60
CA PRO A 160 7.06 9.44 25.97
C PRO A 160 8.03 10.23 26.84
N GLY A 161 8.67 9.51 27.76
CA GLY A 161 9.55 10.11 28.74
C GLY A 161 8.88 10.46 30.05
N ALA A 162 7.56 10.67 30.03
CA ALA A 162 6.81 10.93 31.24
C ALA A 162 6.75 9.66 32.09
N PRO A 163 6.63 9.79 33.42
CA PRO A 163 6.69 8.59 34.25
C PRO A 163 5.41 7.77 34.16
N THR A 164 5.59 6.48 33.99
CA THR A 164 4.45 5.58 33.92
C THR A 164 3.84 5.43 35.30
N PRO A 165 2.53 5.65 35.44
CA PRO A 165 1.88 5.40 36.73
C PRO A 165 1.89 3.93 37.09
N LYS A 166 1.93 3.65 38.38
CA LYS A 166 2.13 2.30 38.85
C LYS A 166 1.08 1.80 39.82
N SER A 167 0.16 2.66 40.26
CA SER A 167 -0.91 2.21 41.14
C SER A 167 -2.14 3.08 40.90
N TRP A 168 -3.08 3.01 41.83
CA TRP A 168 -4.32 3.77 41.70
C TRP A 168 -4.10 5.25 41.97
N ASP A 169 -3.34 5.58 43.00
CA ASP A 169 -3.10 6.97 43.39
C ASP A 169 -1.59 7.22 43.59
N ASP A 170 -0.92 7.54 42.51
CA ASP A 170 0.49 7.93 42.57
C ASP A 170 0.60 9.44 42.46
N TYR A 171 1.81 9.94 42.67
CA TYR A 171 2.02 11.37 42.54
C TYR A 171 1.97 11.82 41.09
N THR A 172 2.19 10.91 40.15
CA THR A 172 2.12 11.28 38.75
C THR A 172 0.70 11.46 38.25
N TRP A 173 -0.31 11.06 39.03
CA TRP A 173 -1.69 11.32 38.64
C TRP A 173 -2.14 12.72 38.96
N GLN A 174 -1.27 13.58 39.48
CA GLN A 174 -1.65 14.93 39.86
C GLN A 174 -1.81 15.87 38.69
N THR A 175 -1.62 15.38 37.45
CA THR A 175 -1.57 16.13 36.18
C THR A 175 -0.84 17.47 36.33
N SER A 176 0.42 17.36 36.74
CA SER A 176 1.23 18.53 37.04
C SER A 176 1.48 19.37 35.79
N SER A 177 1.77 18.74 34.67
CA SER A 177 1.76 19.43 33.39
C SER A 177 1.12 18.65 32.27
N ASN A 178 0.89 17.34 32.44
CA ASN A 178 0.37 16.51 31.36
C ASN A 178 -1.10 16.82 31.14
N PRO A 179 -1.52 17.09 29.91
CA PRO A 179 -2.90 17.51 29.67
C PRO A 179 -3.85 16.32 29.77
N SER A 180 -4.94 16.51 30.51
CA SER A 180 -5.90 15.45 30.77
C SER A 180 -7.31 16.02 30.70
N ILE A 181 -8.29 15.12 30.71
CA ILE A 181 -9.70 15.50 30.65
C ILE A 181 -10.44 14.78 31.77
N PHE A 182 -10.98 15.55 32.71
CA PHE A 182 -11.92 15.00 33.68
C PHE A 182 -13.28 14.87 33.01
N TYR A 183 -13.76 13.64 32.88
CA TYR A 183 -14.99 13.35 32.17
C TYR A 183 -16.08 12.98 33.17
N THR A 184 -17.28 13.48 32.93
CA THR A 184 -18.43 13.15 33.77
C THR A 184 -19.31 12.16 33.04
N TYR A 185 -19.63 11.06 33.71
CA TYR A 185 -20.51 10.06 33.10
C TYR A 185 -21.92 10.60 33.00
N GLY A 186 -22.62 10.23 31.93
CA GLY A 186 -23.98 10.62 31.71
C GLY A 186 -24.16 11.79 30.77
N ALA A 187 -23.13 12.62 30.62
CA ALA A 187 -23.20 13.77 29.75
C ALA A 187 -22.82 13.37 28.33
N ALA A 188 -22.56 14.36 27.48
CA ALA A 188 -22.20 14.13 26.09
C ALA A 188 -20.82 13.47 26.00
N PRO A 189 -20.52 12.81 24.88
CA PRO A 189 -19.16 12.31 24.66
C PRO A 189 -18.17 13.45 24.49
N ALA A 190 -17.00 13.30 25.11
CA ALA A 190 -15.96 14.31 25.02
C ALA A 190 -15.31 14.31 23.65
N ARG A 191 -14.81 15.48 23.24
CA ARG A 191 -14.52 15.69 21.83
C ARG A 191 -13.33 16.65 21.74
N ILE A 192 -12.13 16.09 21.63
CA ILE A 192 -10.90 16.89 21.67
C ILE A 192 -10.16 16.76 20.35
N SER A 193 -9.25 17.70 20.11
CA SER A 193 -8.48 17.74 18.87
C SER A 193 -7.00 17.85 19.16
N VAL A 194 -6.20 17.16 18.36
CA VAL A 194 -4.76 17.12 18.50
C VAL A 194 -4.15 17.59 17.19
N PRO A 195 -3.23 18.53 17.20
CA PRO A 195 -2.55 18.91 15.96
C PRO A 195 -1.50 17.89 15.54
N TYR A 196 -0.76 18.20 14.49
CA TYR A 196 0.21 17.27 13.94
C TYR A 196 1.45 17.17 14.83
N VAL A 197 1.72 15.97 15.34
CA VAL A 197 2.82 15.76 16.28
C VAL A 197 3.89 14.85 15.69
N GLY A 198 3.99 14.79 14.36
CA GLY A 198 5.07 14.03 13.74
C GLY A 198 6.35 14.85 13.75
N LEU A 199 7.45 14.19 14.12
CA LEU A 199 8.72 14.90 14.21
C LEU A 199 9.36 15.08 12.84
N ALA A 200 9.04 14.25 11.86
CA ALA A 200 9.50 14.47 10.51
C ALA A 200 8.47 15.33 9.79
N ASN A 201 8.60 15.46 8.47
CA ASN A 201 7.62 16.21 7.70
C ASN A 201 6.36 15.43 7.40
N ALA A 202 6.33 14.13 7.71
CA ALA A 202 5.11 13.34 7.54
C ALA A 202 5.17 12.18 8.51
N TYR A 203 3.99 11.62 8.81
CA TYR A 203 4.00 10.32 9.46
C TYR A 203 4.49 9.27 8.47
N SER A 204 5.01 8.17 9.00
CA SER A 204 5.62 7.16 8.16
C SER A 204 4.87 5.85 8.34
N HIS A 205 3.92 5.60 7.45
CA HIS A 205 3.39 4.26 7.31
C HIS A 205 4.43 3.38 6.64
N PHE A 206 4.58 2.15 7.14
CA PHE A 206 5.47 1.12 6.60
C PHE A 206 6.93 1.58 6.55
N TYR A 207 7.51 1.80 7.73
CA TYR A 207 8.94 2.02 7.76
C TYR A 207 9.67 0.72 7.44
N ASP A 208 10.81 0.83 6.77
CA ASP A 208 11.54 -0.36 6.32
C ASP A 208 12.66 -0.79 7.25
N GLY A 209 13.63 0.09 7.50
CA GLY A 209 14.90 -0.31 8.06
C GLY A 209 14.86 -0.60 9.55
N PHE A 210 16.03 -0.58 10.15
CA PHE A 210 16.15 -0.87 11.57
C PHE A 210 16.34 0.42 12.36
N ALA A 211 16.26 0.27 13.68
CA ALA A 211 16.61 1.38 14.54
C ALA A 211 18.10 1.37 14.88
N LYS A 212 18.66 0.19 15.05
CA LYS A 212 20.07 0.03 15.37
C LYS A 212 20.69 -0.96 14.39
N VAL A 213 22.00 -0.85 14.19
CA VAL A 213 22.72 -1.73 13.30
C VAL A 213 23.77 -2.47 14.11
N PRO A 214 23.76 -3.79 14.15
CA PRO A 214 24.81 -4.52 14.87
C PRO A 214 26.15 -4.44 14.15
N LEU A 215 27.08 -3.71 14.75
CA LEU A 215 28.36 -3.43 14.11
C LEU A 215 29.29 -4.64 14.23
N LYS A 216 30.45 -4.53 13.60
CA LYS A 216 31.39 -5.65 13.59
C LYS A 216 32.08 -5.80 14.94
N THR A 217 32.49 -4.69 15.54
CA THR A 217 33.27 -4.72 16.78
C THR A 217 32.39 -4.50 18.01
N ASP A 218 31.18 -5.04 17.99
CA ASP A 218 30.31 -4.96 19.16
C ASP A 218 30.78 -5.91 20.25
N ALA A 219 30.13 -5.82 21.41
CA ALA A 219 30.41 -6.76 22.49
C ALA A 219 29.93 -8.15 22.14
N ASN A 220 28.66 -8.30 21.82
CA ASN A 220 28.10 -9.56 21.36
C ASN A 220 26.95 -9.26 20.40
N ASP A 221 26.13 -10.26 20.13
CA ASP A 221 25.05 -10.11 19.17
C ASP A 221 23.72 -9.73 19.81
N GLN A 222 23.60 -9.84 21.13
CA GLN A 222 22.34 -9.50 21.79
C GLN A 222 22.23 -8.01 22.11
N ILE A 223 23.30 -7.24 21.96
CA ILE A 223 23.24 -5.80 22.20
C ILE A 223 22.91 -5.03 20.93
N GLY A 224 23.62 -5.33 19.85
CA GLY A 224 23.37 -4.66 18.59
C GLY A 224 22.13 -5.11 17.85
N ASP A 225 21.42 -6.11 18.35
CA ASP A 225 20.19 -6.57 17.73
C ASP A 225 19.09 -5.51 17.86
N SER A 226 18.16 -5.53 16.92
CA SER A 226 17.05 -4.59 16.94
C SER A 226 15.78 -5.34 16.54
N LEU A 227 14.74 -4.58 16.23
CA LEU A 227 13.46 -5.11 15.80
C LEU A 227 13.20 -4.61 14.38
N TYR A 228 12.75 -5.50 13.51
CA TYR A 228 12.48 -5.12 12.12
C TYR A 228 11.30 -4.17 12.06
N SER A 229 11.48 -3.07 11.31
CA SER A 229 10.43 -2.11 10.96
C SER A 229 9.78 -1.49 12.19
N ALA A 230 10.60 -0.75 12.95
CA ALA A 230 10.09 -0.04 14.12
C ALA A 230 10.92 1.22 14.29
N MET A 231 10.31 2.38 14.05
CA MET A 231 11.04 3.64 14.18
C MET A 231 11.33 3.96 15.65
N THR A 232 10.40 3.64 16.53
CA THR A 232 10.51 4.01 17.93
C THR A 232 10.02 2.83 18.75
N VAL A 233 10.64 2.63 19.91
CA VAL A 233 10.21 1.58 20.83
C VAL A 233 8.81 1.87 21.35
N ASP A 234 8.59 3.09 21.84
CA ASP A 234 7.29 3.50 22.35
C ASP A 234 6.73 4.55 21.41
N ASP A 235 5.78 4.15 20.56
CA ASP A 235 5.22 5.01 19.53
C ASP A 235 4.26 6.00 20.17
N PHE A 236 4.71 7.25 20.30
CA PHE A 236 3.87 8.44 20.49
C PHE A 236 3.16 8.46 21.85
N GLY A 237 3.62 7.70 22.82
CA GLY A 237 3.05 7.79 24.16
C GLY A 237 1.91 6.82 24.40
N VAL A 238 1.28 6.98 25.55
CA VAL A 238 0.22 6.08 26.02
C VAL A 238 -0.95 6.90 26.52
N LEU A 239 -2.10 6.23 26.67
CA LEU A 239 -3.22 6.78 27.44
C LEU A 239 -3.26 6.14 28.83
N ALA A 240 -4.10 6.72 29.68
CA ALA A 240 -4.26 6.24 31.04
C ALA A 240 -5.65 6.62 31.53
N ILE A 241 -6.39 5.64 32.02
CA ILE A 241 -7.79 5.81 32.41
C ILE A 241 -7.97 5.25 33.81
N ARG A 242 -8.55 6.05 34.70
CA ARG A 242 -8.85 5.57 36.03
C ARG A 242 -10.13 6.23 36.53
N VAL A 243 -10.76 5.58 37.49
CA VAL A 243 -11.93 6.14 38.15
C VAL A 243 -11.47 7.04 39.29
N VAL A 244 -12.06 8.24 39.37
CA VAL A 244 -11.68 9.17 40.43
C VAL A 244 -12.26 8.70 41.76
N ASN A 245 -13.45 8.12 41.75
CA ASN A 245 -14.14 7.75 42.97
C ASN A 245 -13.44 6.59 43.68
N ASP A 246 -13.85 6.36 44.92
CA ASP A 246 -13.15 5.41 45.77
C ASP A 246 -13.57 3.99 45.45
N HIS A 247 -12.93 3.04 46.13
CA HIS A 247 -13.34 1.65 46.05
C HIS A 247 -14.67 1.46 46.79
N ASN A 248 -15.40 0.44 46.37
CA ASN A 248 -16.72 0.14 46.89
C ASN A 248 -16.80 -1.36 47.14
N PRO A 249 -17.70 -1.81 48.02
CA PRO A 249 -17.92 -3.26 48.14
C PRO A 249 -18.55 -3.85 46.89
N THR A 250 -19.36 -3.10 46.17
CA THR A 250 -19.78 -3.51 44.84
C THR A 250 -18.81 -2.99 43.80
N LYS A 251 -18.89 -3.54 42.61
CA LYS A 251 -17.98 -3.14 41.54
C LYS A 251 -18.77 -2.85 40.28
N VAL A 252 -18.27 -1.87 39.52
CA VAL A 252 -18.93 -1.39 38.31
C VAL A 252 -17.94 -1.54 37.17
N THR A 253 -18.14 -2.54 36.33
CA THR A 253 -17.29 -2.74 35.17
C THR A 253 -17.67 -1.74 34.09
N SER A 254 -16.67 -1.02 33.58
CA SER A 254 -16.91 -0.02 32.56
C SER A 254 -15.97 -0.22 31.39
N LYS A 255 -16.47 0.05 30.20
CA LYS A 255 -15.70 -0.06 28.98
C LYS A 255 -15.63 1.32 28.33
N VAL A 256 -14.52 1.58 27.66
CA VAL A 256 -14.30 2.86 26.99
C VAL A 256 -13.93 2.59 25.54
N ARG A 257 -14.64 3.21 24.61
CA ARG A 257 -14.42 3.03 23.18
C ARG A 257 -13.91 4.34 22.60
N ILE A 258 -12.59 4.46 22.48
CA ILE A 258 -11.99 5.64 21.86
C ILE A 258 -12.27 5.61 20.37
N TYR A 259 -12.84 6.69 19.85
CA TYR A 259 -13.00 6.87 18.42
C TYR A 259 -11.94 7.82 17.90
N MET A 260 -11.89 7.95 16.57
CA MET A 260 -10.79 8.67 15.93
C MET A 260 -11.21 9.15 14.56
N LYS A 261 -11.11 10.45 14.32
CA LYS A 261 -11.51 11.05 13.05
C LYS A 261 -10.36 11.89 12.53
N PRO A 262 -9.81 11.59 11.37
CA PRO A 262 -8.77 12.44 10.79
C PRO A 262 -9.34 13.68 10.13
N LYS A 263 -8.53 14.73 10.08
CA LYS A 263 -8.85 15.96 9.36
C LYS A 263 -7.62 16.46 8.65
N HIS A 264 -7.86 17.31 7.63
CA HIS A 264 -6.82 18.05 6.90
C HIS A 264 -5.79 17.11 6.27
N VAL A 265 -6.27 16.05 5.65
CA VAL A 265 -5.42 14.94 5.25
C VAL A 265 -4.75 15.26 3.93
N ARG A 266 -3.44 15.09 3.86
CA ARG A 266 -2.68 15.16 2.62
C ARG A 266 -1.70 14.00 2.60
N VAL A 267 -1.79 13.17 1.56
CA VAL A 267 -1.06 11.92 1.50
C VAL A 267 -0.12 11.95 0.30
N TRP A 268 0.70 10.90 0.20
CA TRP A 268 1.62 10.74 -0.92
C TRP A 268 1.81 9.26 -1.21
N CYS A 269 2.20 8.96 -2.47
CA CYS A 269 2.70 7.67 -2.93
C CYS A 269 1.79 6.49 -2.64
N PRO A 270 0.73 6.29 -3.42
CA PRO A 270 -0.24 5.23 -3.10
C PRO A 270 0.31 3.84 -3.38
N ARG A 271 -0.18 2.88 -2.61
CA ARG A 271 0.24 1.49 -2.67
C ARG A 271 -1.02 0.62 -2.59
N PRO A 272 -0.98 -0.61 -3.11
CA PRO A 272 -2.19 -1.42 -3.14
C PRO A 272 -2.58 -1.89 -1.74
N PRO A 273 -3.86 -2.16 -1.51
CA PRO A 273 -4.31 -2.46 -0.15
C PRO A 273 -4.06 -3.90 0.26
N ARG A 274 -3.95 -4.08 1.57
CA ARG A 274 -3.78 -5.40 2.15
C ARG A 274 -5.04 -6.22 1.94
N ALA A 275 -4.85 -7.51 1.61
CA ALA A 275 -5.98 -8.38 1.34
C ALA A 275 -6.02 -9.66 2.17
N VAL A 276 -4.88 -10.28 2.45
CA VAL A 276 -4.87 -11.39 3.40
C VAL A 276 -4.94 -10.77 4.79
N PRO A 277 -5.56 -11.41 5.78
CA PRO A 277 -5.77 -10.74 7.07
C PRO A 277 -4.48 -10.52 7.83
N TYR A 278 -4.50 -9.52 8.69
CA TYR A 278 -3.32 -9.12 9.43
C TYR A 278 -2.97 -10.13 10.51
N TYR A 279 -1.73 -10.05 10.98
CA TYR A 279 -1.25 -10.93 12.04
C TYR A 279 -0.21 -10.16 12.83
N GLY A 280 -0.67 -9.50 13.90
CA GLY A 280 0.19 -8.67 14.70
C GLY A 280 0.44 -7.32 14.07
N PRO A 281 1.27 -6.50 14.73
CA PRO A 281 1.44 -5.11 14.26
C PRO A 281 2.29 -4.98 13.02
N GLY A 282 2.96 -6.03 12.58
CA GLY A 282 3.88 -5.93 11.46
C GLY A 282 3.19 -5.89 10.12
N VAL A 283 3.86 -6.44 9.11
CA VAL A 283 3.30 -6.56 7.77
C VAL A 283 3.14 -8.01 7.35
N ASP A 284 3.47 -8.95 8.21
CA ASP A 284 3.50 -10.36 7.86
C ASP A 284 2.10 -10.96 7.87
N TYR A 285 2.04 -12.28 7.84
CA TYR A 285 0.78 -13.02 7.72
C TYR A 285 1.01 -14.44 8.18
N LYS A 286 -0.05 -15.07 8.66
CA LYS A 286 0.08 -16.47 9.06
C LYS A 286 -0.97 -17.37 8.46
N ASP A 287 -2.21 -16.91 8.36
CA ASP A 287 -3.34 -17.80 8.08
C ASP A 287 -4.17 -17.21 6.96
N ASN A 288 -5.08 -18.05 6.45
CA ASN A 288 -6.07 -17.69 5.42
C ASN A 288 -5.39 -17.20 4.14
N LEU A 289 -4.67 -18.11 3.50
CA LEU A 289 -3.88 -17.80 2.32
C LEU A 289 -4.63 -18.07 1.02
N ASN A 290 -5.95 -17.93 1.02
CA ASN A 290 -6.77 -18.12 -0.18
C ASN A 290 -7.69 -16.91 -0.37
N PRO A 291 -7.15 -15.82 -0.95
CA PRO A 291 -7.97 -14.61 -1.04
C PRO A 291 -9.08 -14.67 -2.07
N LEU A 292 -8.95 -15.46 -3.13
CA LEU A 292 -9.99 -15.48 -4.16
C LEU A 292 -10.83 -16.75 -4.08
N SER A 293 -12.04 -16.65 -4.65
CA SER A 293 -13.02 -17.72 -4.64
C SER A 293 -12.87 -18.59 -5.88
N GLU A 294 -13.87 -19.42 -6.15
CA GLU A 294 -13.87 -20.32 -7.31
C GLU A 294 -15.01 -19.94 -8.25
N LYS A 295 -14.69 -19.84 -9.54
CA LYS A 295 -15.68 -19.46 -10.55
C LYS A 295 -15.20 -19.94 -11.90
N GLY A 296 -16.10 -20.50 -12.70
CA GLY A 296 -15.72 -21.03 -14.00
C GLY A 296 -15.30 -19.95 -14.97
N LEU A 297 -14.38 -20.32 -15.87
CA LEU A 297 -13.75 -19.34 -16.74
C LEU A 297 -14.68 -18.85 -17.82
N THR A 298 -15.13 -19.74 -18.69
CA THR A 298 -15.98 -19.36 -19.82
C THR A 298 -17.44 -19.19 -19.41
N THR A 299 -17.78 -19.43 -18.15
CA THR A 299 -19.14 -19.34 -17.65
C THR A 299 -19.30 -18.01 -16.93
N TYR A 300 -20.34 -17.28 -17.29
CA TYR A 300 -20.64 -15.99 -16.67
C TYR A 300 -20.98 -16.13 -15.19
N ARG B 12 15.77 8.70 -32.48
CA ARG B 12 14.96 7.68 -31.82
C ARG B 12 15.81 6.91 -30.81
N VAL B 13 17.03 6.59 -31.21
CA VAL B 13 17.95 5.82 -30.37
C VAL B 13 18.37 6.67 -29.18
N LEU B 14 18.14 6.16 -27.97
CA LEU B 14 18.44 6.92 -26.78
C LEU B 14 19.94 6.99 -26.53
N GLN B 15 20.44 8.21 -26.33
CA GLN B 15 21.83 8.45 -25.97
C GLN B 15 21.82 8.80 -24.48
N LEU B 16 21.85 7.75 -23.66
CA LEU B 16 21.65 7.89 -22.22
C LEU B 16 23.01 7.98 -21.56
N THR B 17 23.39 9.18 -21.15
CA THR B 17 24.69 9.43 -20.54
C THR B 17 24.48 10.24 -19.27
N ILE B 18 24.67 9.62 -18.11
CA ILE B 18 24.74 10.32 -16.84
C ILE B 18 26.14 10.09 -16.27
N GLY B 19 26.89 11.16 -16.13
CA GLY B 19 28.24 11.08 -15.59
C GLY B 19 29.25 10.77 -16.67
N ASN B 20 30.00 9.69 -16.49
CA ASN B 20 31.10 9.33 -17.39
C ASN B 20 30.77 8.14 -18.29
N SER B 21 30.10 7.11 -17.78
CA SER B 21 29.76 5.96 -18.60
C SER B 21 28.53 6.28 -19.47
N THR B 22 28.19 5.36 -20.36
CA THR B 22 27.16 5.60 -21.35
C THR B 22 26.53 4.29 -21.77
N ILE B 23 25.20 4.20 -21.63
CA ILE B 23 24.46 3.11 -22.25
C ILE B 23 23.62 3.67 -23.40
N THR B 24 24.07 3.41 -24.61
CA THR B 24 23.27 3.58 -25.80
C THR B 24 22.54 2.27 -26.08
N THR B 25 21.97 2.14 -27.27
CA THR B 25 21.22 0.95 -27.61
C THR B 25 21.21 0.74 -29.12
N GLN B 26 20.96 -0.49 -29.53
CA GLN B 26 20.69 -0.78 -30.93
C GLN B 26 19.23 -0.50 -31.28
N GLU B 27 18.33 -0.67 -30.31
CA GLU B 27 16.92 -0.31 -30.45
C GLU B 27 16.46 0.33 -29.14
N ALA B 28 15.79 1.47 -29.23
CA ALA B 28 15.34 2.23 -28.06
C ALA B 28 13.83 2.09 -27.89
N ALA B 29 13.38 1.98 -26.64
CA ALA B 29 11.96 1.74 -26.37
C ALA B 29 11.29 2.89 -25.64
N ASN B 30 11.71 3.23 -24.41
CA ASN B 30 10.95 4.11 -23.54
C ASN B 30 11.85 4.66 -22.44
N SER B 31 11.28 5.57 -21.64
CA SER B 31 11.91 6.02 -20.40
C SER B 31 10.78 6.59 -19.54
N VAL B 32 10.45 5.90 -18.46
CA VAL B 32 9.35 6.29 -17.60
C VAL B 32 9.89 6.90 -16.33
N VAL B 33 9.60 8.18 -16.13
CA VAL B 33 9.99 8.87 -14.92
C VAL B 33 8.95 8.59 -13.84
N ALA B 34 9.39 8.20 -12.66
CA ALA B 34 8.48 7.94 -11.56
C ALA B 34 7.89 9.24 -11.05
N TYR B 35 6.56 9.31 -11.06
CA TYR B 35 5.75 10.40 -10.51
C TYR B 35 5.97 11.74 -11.19
N GLY B 36 6.61 11.76 -12.36
CA GLY B 36 6.68 12.95 -13.17
C GLY B 36 7.56 14.07 -12.66
N ARG B 37 8.43 13.82 -11.68
CA ARG B 37 9.33 14.84 -11.19
C ARG B 37 10.78 14.37 -11.31
N TRP B 38 11.55 15.08 -12.13
CA TRP B 38 12.96 14.80 -12.33
C TRP B 38 13.74 15.07 -11.04
N PRO B 39 14.81 14.34 -10.78
CA PRO B 39 15.56 14.55 -9.53
C PRO B 39 16.33 15.86 -9.57
N GLU B 40 16.40 16.53 -8.41
CA GLU B 40 17.07 17.81 -8.32
C GLU B 40 17.76 17.93 -6.97
N PHE B 41 18.47 19.05 -6.78
CA PHE B 41 19.17 19.34 -5.54
C PHE B 41 18.21 19.88 -4.50
N ILE B 42 18.74 20.44 -3.42
CA ILE B 42 17.94 21.13 -2.42
C ILE B 42 17.80 22.59 -2.87
N ARG B 43 16.59 22.98 -3.25
CA ARG B 43 16.31 24.32 -3.73
C ARG B 43 15.45 25.04 -2.69
N ASP B 44 16.12 25.63 -1.70
CA ASP B 44 15.48 26.42 -0.66
C ASP B 44 16.26 27.71 -0.48
N ASP B 45 15.71 28.82 -0.96
CA ASP B 45 16.39 30.10 -0.85
C ASP B 45 16.39 30.64 0.58
N GLU B 46 15.44 30.22 1.42
CA GLU B 46 15.37 30.65 2.81
C GLU B 46 15.86 29.57 3.78
N ALA B 47 16.75 28.70 3.33
CA ALA B 47 17.30 27.67 4.21
C ALA B 47 18.39 28.26 5.09
N ASN B 48 18.48 27.77 6.33
CA ASN B 48 19.43 28.32 7.29
C ASN B 48 20.86 27.80 7.03
N PRO B 49 21.11 26.47 6.73
CA PRO B 49 22.44 26.12 6.22
C PRO B 49 22.58 26.44 4.73
N VAL B 50 23.31 27.52 4.43
CA VAL B 50 23.63 27.87 3.05
C VAL B 50 25.04 27.43 2.66
N ASP B 51 25.79 26.85 3.59
CA ASP B 51 27.10 26.28 3.26
C ASP B 51 26.93 25.01 2.44
N GLN B 52 27.97 24.66 1.69
CA GLN B 52 27.81 23.65 0.65
C GLN B 52 28.28 22.29 1.14
N PRO B 53 27.42 21.25 1.08
CA PRO B 53 27.87 19.89 1.37
C PRO B 53 28.70 19.28 0.25
N THR B 54 29.05 18.00 0.40
CA THR B 54 29.76 17.29 -0.65
C THR B 54 28.76 16.76 -1.67
N GLU B 55 28.83 17.28 -2.90
CA GLU B 55 27.95 16.82 -3.99
C GLU B 55 28.82 16.20 -5.08
N PRO B 56 29.14 14.91 -4.99
CA PRO B 56 29.84 14.28 -6.12
C PRO B 56 28.88 13.97 -7.27
N ASP B 57 28.55 15.02 -8.02
CA ASP B 57 27.53 14.96 -9.06
C ASP B 57 28.06 14.54 -10.42
N VAL B 58 29.34 14.75 -10.70
CA VAL B 58 29.97 14.30 -11.93
C VAL B 58 31.13 13.36 -11.69
N ALA B 59 31.33 12.90 -10.45
CA ALA B 59 32.43 12.02 -10.13
C ALA B 59 31.99 10.70 -9.53
N THR B 60 30.69 10.49 -9.31
CA THR B 60 30.19 9.22 -8.79
C THR B 60 29.05 8.64 -9.62
N CYS B 61 28.77 9.17 -10.80
CA CYS B 61 27.64 8.68 -11.59
C CYS B 61 28.06 7.59 -12.57
N ARG B 62 28.77 6.56 -12.11
CA ARG B 62 29.05 5.43 -12.97
C ARG B 62 27.86 4.49 -12.98
N PHE B 63 27.65 3.83 -14.12
CA PHE B 63 26.60 2.83 -14.23
C PHE B 63 27.07 1.56 -13.52
N TYR B 64 26.71 1.42 -12.26
CA TYR B 64 27.04 0.21 -11.53
C TYR B 64 26.17 -0.94 -12.02
N THR B 65 26.79 -2.07 -12.31
CA THR B 65 26.10 -3.25 -12.81
C THR B 65 26.14 -4.34 -11.76
N LEU B 66 24.97 -4.86 -11.37
CA LEU B 66 24.91 -5.90 -10.36
C LEU B 66 25.31 -7.25 -10.96
N ASP B 67 25.22 -8.28 -10.13
CA ASP B 67 25.56 -9.62 -10.58
C ASP B 67 24.45 -10.17 -11.47
N THR B 68 24.83 -11.07 -12.35
CA THR B 68 23.93 -11.62 -13.36
C THR B 68 23.21 -12.84 -12.80
N VAL B 69 21.89 -12.82 -12.84
CA VAL B 69 21.10 -13.97 -12.44
C VAL B 69 20.62 -14.69 -13.69
N MET B 70 20.51 -16.01 -13.60
CA MET B 70 20.13 -16.85 -14.73
C MET B 70 18.65 -17.18 -14.61
N TRP B 71 17.83 -16.54 -15.44
CA TRP B 71 16.39 -16.74 -15.38
C TRP B 71 16.01 -18.02 -16.12
N GLY B 72 15.39 -18.95 -15.41
CA GLY B 72 14.96 -20.21 -15.96
C GLY B 72 13.46 -20.30 -16.08
N LYS B 73 12.98 -21.54 -16.28
CA LYS B 73 11.56 -21.76 -16.47
C LYS B 73 10.80 -21.68 -15.15
N GLU B 74 11.26 -22.41 -14.14
CA GLU B 74 10.53 -22.52 -12.89
C GLU B 74 11.00 -21.52 -11.84
N SER B 75 11.98 -20.68 -12.17
CA SER B 75 12.38 -19.63 -11.25
C SER B 75 11.29 -18.57 -11.17
N LYS B 76 11.14 -17.98 -9.99
CA LYS B 76 9.92 -17.28 -9.66
C LYS B 76 10.06 -15.80 -9.36
N GLY B 77 11.27 -15.27 -9.20
CA GLY B 77 11.40 -13.84 -9.01
C GLY B 77 12.68 -13.48 -8.31
N TRP B 78 12.95 -12.18 -8.31
CA TRP B 78 14.13 -11.61 -7.67
C TRP B 78 13.76 -10.27 -7.06
N TRP B 79 14.49 -9.90 -6.01
CA TRP B 79 14.24 -8.63 -5.36
C TRP B 79 15.51 -8.08 -4.73
N TRP B 80 15.73 -6.78 -4.90
CA TRP B 80 16.86 -6.09 -4.33
C TRP B 80 16.38 -4.96 -3.42
N LYS B 81 17.32 -4.38 -2.69
CA LYS B 81 17.07 -3.19 -1.90
C LYS B 81 18.04 -2.10 -2.29
N LEU B 82 17.58 -0.87 -2.28
CA LEU B 82 18.43 0.27 -2.54
C LEU B 82 18.34 1.24 -1.36
N PRO B 83 19.47 1.78 -0.89
CA PRO B 83 20.86 1.63 -1.34
C PRO B 83 21.61 0.46 -0.73
N ASP B 84 20.98 -0.70 -0.63
CA ASP B 84 21.72 -1.89 -0.20
C ASP B 84 22.62 -2.39 -1.31
N ALA B 85 22.17 -2.34 -2.56
CA ALA B 85 22.87 -3.02 -3.63
C ALA B 85 24.11 -2.29 -4.10
N LEU B 86 24.59 -1.28 -3.39
CA LEU B 86 25.80 -0.60 -3.74
C LEU B 86 26.82 -0.57 -2.62
N ARG B 87 26.56 -1.23 -1.49
CA ARG B 87 27.46 -1.12 -0.36
C ARG B 87 28.74 -1.92 -0.55
N ASP B 88 28.75 -2.91 -1.42
CA ASP B 88 29.95 -3.72 -1.57
C ASP B 88 30.98 -3.02 -2.44
N MET B 89 30.57 -2.55 -3.61
CA MET B 89 31.48 -2.06 -4.61
C MET B 89 31.21 -0.60 -4.91
N GLY B 90 32.19 0.03 -5.52
CA GLY B 90 32.03 1.42 -5.94
C GLY B 90 32.44 2.40 -4.87
N LEU B 91 32.94 3.55 -5.31
CA LEU B 91 33.30 4.61 -4.39
C LEU B 91 32.07 5.27 -3.79
N PHE B 92 30.90 5.08 -4.39
CA PHE B 92 29.64 5.44 -3.73
C PHE B 92 29.42 4.65 -2.45
N GLY B 93 29.95 3.43 -2.38
CA GLY B 93 29.90 2.69 -1.13
C GLY B 93 30.78 3.30 -0.06
N GLN B 94 31.89 3.91 -0.45
CA GLN B 94 32.73 4.55 0.54
C GLN B 94 32.16 5.88 0.99
N ASN B 95 31.42 6.58 0.13
CA ASN B 95 30.76 7.80 0.55
C ASN B 95 29.44 7.54 1.26
N MET B 96 29.16 6.31 1.66
CA MET B 96 27.97 5.96 2.39
C MET B 96 28.25 5.48 3.80
N TYR B 97 29.37 4.78 4.00
CA TYR B 97 29.74 4.35 5.33
C TYR B 97 30.30 5.49 6.16
N TYR B 98 31.06 6.40 5.55
CA TYR B 98 31.70 7.45 6.33
C TYR B 98 30.72 8.55 6.73
N HIS B 99 29.78 8.91 5.88
CA HIS B 99 28.93 10.05 6.19
C HIS B 99 27.71 9.63 6.98
N TYR B 100 27.06 10.62 7.60
CA TYR B 100 25.93 10.35 8.47
C TYR B 100 24.64 10.13 7.71
N LEU B 101 24.45 10.83 6.60
CA LEU B 101 23.13 10.91 5.97
C LEU B 101 23.28 11.41 4.54
N GLY B 102 22.24 11.19 3.75
CA GLY B 102 22.32 11.59 2.36
C GLY B 102 20.98 11.49 1.66
N ARG B 103 21.04 11.69 0.34
CA ARG B 103 19.88 11.57 -0.52
C ARG B 103 20.37 11.27 -1.92
N SER B 104 19.55 10.53 -2.68
CA SER B 104 20.02 10.04 -3.97
C SER B 104 18.83 9.73 -4.86
N GLY B 105 19.03 9.90 -6.15
CA GLY B 105 18.05 9.54 -7.15
C GLY B 105 18.64 8.49 -8.08
N TYR B 106 17.83 7.50 -8.42
CA TYR B 106 18.34 6.29 -9.05
C TYR B 106 17.83 6.16 -10.48
N THR B 107 18.60 5.46 -11.30
CA THR B 107 18.22 5.11 -12.66
C THR B 107 18.31 3.60 -12.78
N VAL B 108 17.21 2.92 -12.46
CA VAL B 108 17.16 1.47 -12.67
C VAL B 108 16.98 1.23 -14.17
N HIS B 109 17.89 0.46 -14.74
CA HIS B 109 17.90 0.18 -16.18
C HIS B 109 18.03 -1.33 -16.38
N VAL B 110 16.91 -2.02 -16.43
CA VAL B 110 16.89 -3.47 -16.54
C VAL B 110 16.83 -3.85 -18.01
N GLN B 111 17.86 -4.54 -18.49
CA GLN B 111 17.84 -5.07 -19.84
C GLN B 111 17.87 -6.59 -19.81
N CYS B 112 17.25 -7.19 -20.83
CA CYS B 112 17.17 -8.64 -20.94
C CYS B 112 16.94 -8.96 -22.42
N ASN B 113 17.99 -9.38 -23.10
CA ASN B 113 17.92 -9.63 -24.54
C ASN B 113 17.80 -11.11 -24.85
N ALA B 114 17.01 -11.42 -25.88
CA ALA B 114 16.80 -12.77 -26.36
C ALA B 114 16.31 -12.67 -27.80
N SER B 115 16.16 -13.82 -28.44
CA SER B 115 15.93 -13.87 -29.87
C SER B 115 14.48 -13.52 -30.19
N LYS B 116 14.12 -13.60 -31.47
CA LYS B 116 12.74 -13.41 -31.87
C LYS B 116 11.88 -14.63 -31.62
N PHE B 117 12.47 -15.77 -31.26
CA PHE B 117 11.72 -17.01 -31.10
C PHE B 117 11.36 -17.33 -29.66
N HIS B 118 11.86 -16.57 -28.69
CA HIS B 118 11.46 -16.80 -27.32
C HIS B 118 10.10 -16.16 -27.06
N GLN B 119 9.62 -16.29 -25.82
CA GLN B 119 8.44 -15.57 -25.38
C GLN B 119 8.55 -15.33 -23.89
N GLY B 120 7.49 -14.83 -23.29
CA GLY B 120 7.52 -14.60 -21.86
C GLY B 120 7.56 -13.12 -21.54
N ALA B 121 6.92 -12.75 -20.43
CA ALA B 121 6.78 -11.36 -20.04
C ALA B 121 7.36 -11.14 -18.66
N LEU B 122 8.07 -10.03 -18.49
CA LEU B 122 8.65 -9.66 -17.21
C LEU B 122 7.89 -8.47 -16.63
N GLY B 123 8.23 -8.15 -15.39
CA GLY B 123 7.70 -6.95 -14.78
C GLY B 123 8.69 -6.30 -13.86
N VAL B 124 9.02 -5.04 -14.12
CA VAL B 124 9.96 -4.28 -13.31
C VAL B 124 9.16 -3.36 -12.40
N PHE B 125 9.43 -3.41 -11.11
CA PHE B 125 8.72 -2.60 -10.13
C PHE B 125 9.69 -1.72 -9.37
N ALA B 126 9.11 -0.76 -8.65
CA ALA B 126 9.90 0.11 -7.78
C ALA B 126 8.99 0.55 -6.66
N ILE B 127 9.08 -0.15 -5.52
CA ILE B 127 8.18 0.08 -4.39
C ILE B 127 8.90 0.97 -3.40
N PRO B 128 8.41 2.17 -3.12
CA PRO B 128 8.95 2.94 -2.01
C PRO B 128 8.56 2.32 -0.68
N GLU B 129 9.54 2.24 0.23
CA GLU B 129 9.41 1.63 1.55
C GLU B 129 8.90 0.18 1.46
N TYR B 130 9.63 -0.62 0.69
CA TYR B 130 9.24 -2.00 0.43
C TYR B 130 9.53 -2.84 1.65
N CYS B 131 8.52 -3.02 2.49
CA CYS B 131 8.65 -3.94 3.61
C CYS B 131 8.57 -5.38 3.12
N LEU B 132 8.89 -6.31 4.02
CA LEU B 132 8.75 -7.73 3.73
C LEU B 132 8.23 -8.47 4.95
N ALA B 133 7.67 -9.64 4.68
CA ALA B 133 7.12 -10.50 5.71
C ALA B 133 8.19 -11.42 6.26
N GLY B 134 8.03 -11.81 7.51
CA GLY B 134 8.87 -12.83 8.11
C GLY B 134 8.48 -14.22 7.65
N ASP B 135 8.99 -15.19 8.36
CA ASP B 135 8.60 -16.57 8.11
C ASP B 135 8.05 -17.28 9.33
N SER B 136 8.66 -17.08 10.50
CA SER B 136 8.28 -17.85 11.68
C SER B 136 7.09 -17.20 12.36
N ASP B 137 6.69 -17.76 13.49
CA ASP B 137 5.60 -17.18 14.26
C ASP B 137 6.06 -16.03 15.14
N LYS B 138 7.36 -15.91 15.37
CA LYS B 138 7.91 -14.74 16.04
C LYS B 138 7.78 -13.53 15.11
N GLN B 139 7.02 -12.54 15.53
CA GLN B 139 6.68 -11.42 14.66
C GLN B 139 7.82 -10.41 14.60
N ARG B 140 8.15 -10.00 13.37
CA ARG B 140 9.15 -8.96 13.07
C ARG B 140 10.53 -9.31 13.62
N TYR B 141 10.88 -10.58 13.63
CA TYR B 141 12.10 -11.07 14.26
C TYR B 141 13.07 -11.49 13.15
N THR B 142 13.90 -10.55 12.72
CA THR B 142 14.76 -10.75 11.58
C THR B 142 16.10 -10.08 11.80
N SER B 143 17.19 -10.84 11.65
CA SER B 143 18.52 -10.30 11.89
C SER B 143 18.93 -9.36 10.76
N TYR B 144 20.08 -8.69 10.96
CA TYR B 144 20.52 -7.68 10.00
C TYR B 144 21.18 -8.30 8.77
N ALA B 145 21.81 -9.46 8.93
CA ALA B 145 22.46 -10.08 7.78
C ALA B 145 21.44 -10.57 6.78
N ASN B 146 20.35 -11.17 7.24
CA ASN B 146 19.31 -11.58 6.32
C ASN B 146 18.42 -10.44 5.87
N ALA B 147 18.50 -9.29 6.54
CA ALA B 147 17.69 -8.15 6.17
C ALA B 147 18.18 -7.45 4.91
N ASN B 148 19.41 -7.72 4.48
CA ASN B 148 20.04 -6.99 3.40
C ASN B 148 20.84 -7.96 2.55
N PRO B 149 20.31 -8.37 1.40
CA PRO B 149 21.05 -9.32 0.55
C PRO B 149 22.24 -8.71 -0.13
N GLY B 150 22.31 -7.39 -0.21
CA GLY B 150 23.46 -6.76 -0.83
C GLY B 150 23.32 -6.74 -2.33
N GLU B 151 24.29 -7.32 -3.01
CA GLU B 151 24.34 -7.24 -4.46
C GLU B 151 23.83 -8.49 -5.16
N LYS B 152 23.78 -9.63 -4.47
CA LYS B 152 23.30 -10.83 -5.13
C LYS B 152 21.77 -10.91 -5.14
N GLY B 153 21.11 -10.26 -4.19
CA GLY B 153 19.66 -10.20 -4.17
C GLY B 153 18.97 -11.46 -3.70
N GLY B 154 17.76 -11.32 -3.15
CA GLY B 154 16.99 -12.45 -2.70
C GLY B 154 16.11 -12.99 -3.82
N LYS B 155 15.39 -14.06 -3.48
CA LYS B 155 14.47 -14.69 -4.42
C LYS B 155 13.09 -14.77 -3.77
N PHE B 156 12.15 -15.30 -4.54
CA PHE B 156 10.78 -15.53 -4.09
C PHE B 156 10.56 -17.03 -3.88
N TYR B 157 9.34 -17.38 -3.53
CA TYR B 157 8.95 -18.78 -3.40
C TYR B 157 7.52 -18.93 -3.89
N SER B 158 7.17 -20.15 -4.30
CA SER B 158 5.88 -20.37 -4.92
C SER B 158 4.77 -20.45 -3.88
N GLN B 159 4.90 -21.34 -2.90
CA GLN B 159 3.93 -21.45 -1.83
C GLN B 159 4.60 -21.15 -0.51
N PHE B 160 3.78 -20.80 0.48
CA PHE B 160 4.30 -20.39 1.78
C PHE B 160 4.70 -21.62 2.59
N ASN B 161 5.96 -21.66 3.01
CA ASN B 161 6.48 -22.76 3.83
C ASN B 161 7.25 -22.15 5.02
N ARG B 162 6.54 -22.02 6.14
CA ARG B 162 7.09 -21.40 7.33
C ARG B 162 8.06 -22.34 8.04
N ASP B 163 8.60 -21.86 9.15
CA ASP B 163 9.53 -22.65 9.96
C ASP B 163 8.83 -23.14 11.22
N THR B 164 9.19 -24.36 11.63
CA THR B 164 8.69 -24.95 12.87
C THR B 164 9.78 -25.24 13.89
N ALA B 165 11.04 -25.13 13.52
CA ALA B 165 12.14 -25.45 14.43
C ALA B 165 12.34 -24.32 15.43
N VAL B 166 12.14 -24.63 16.72
CA VAL B 166 12.26 -23.61 17.75
C VAL B 166 13.65 -23.56 18.38
N THR B 167 14.56 -24.44 17.97
CA THR B 167 15.90 -24.44 18.54
C THR B 167 16.86 -23.59 17.71
N SER B 168 16.90 -23.81 16.40
CA SER B 168 17.76 -23.05 15.51
C SER B 168 16.93 -21.99 14.79
N PRO B 169 17.01 -20.73 15.16
CA PRO B 169 16.17 -19.70 14.51
C PRO B 169 16.69 -19.38 13.11
N LYS B 170 15.79 -19.42 12.14
CA LYS B 170 16.18 -19.14 10.76
C LYS B 170 16.40 -17.65 10.54
N ARG B 171 15.42 -16.84 10.95
CA ARG B 171 15.50 -15.37 11.00
C ARG B 171 15.75 -14.78 9.61
N GLU B 172 15.02 -15.29 8.62
CA GLU B 172 15.17 -14.87 7.25
C GLU B 172 13.80 -14.62 6.65
N PHE B 173 13.79 -14.01 5.47
CA PHE B 173 12.52 -13.76 4.83
C PHE B 173 12.06 -14.98 4.04
N CYS B 174 10.76 -15.04 3.81
CA CYS B 174 10.18 -16.03 2.90
C CYS B 174 8.91 -15.45 2.29
N PRO B 175 9.04 -14.61 1.27
CA PRO B 175 7.86 -14.04 0.64
C PRO B 175 7.27 -14.99 -0.38
N VAL B 176 6.00 -14.76 -0.69
CA VAL B 176 5.29 -15.50 -1.72
C VAL B 176 5.07 -14.57 -2.90
N ASP B 177 5.22 -15.09 -4.12
CA ASP B 177 5.34 -14.22 -5.29
C ASP B 177 4.01 -13.54 -5.63
N TYR B 178 2.92 -14.28 -5.61
CA TYR B 178 1.64 -13.64 -5.92
C TYR B 178 1.05 -12.91 -4.72
N LEU B 179 1.73 -12.93 -3.57
CA LEU B 179 1.44 -12.00 -2.49
C LEU B 179 2.46 -10.87 -2.40
N LEU B 180 3.55 -10.93 -3.17
CA LEU B 180 4.54 -9.87 -3.35
C LEU B 180 5.28 -9.52 -2.06
N GLY B 181 5.21 -10.36 -1.05
CA GLY B 181 5.87 -10.07 0.21
C GLY B 181 5.11 -9.19 1.16
N CYS B 182 4.55 -8.09 0.66
CA CYS B 182 3.80 -7.18 1.51
C CYS B 182 2.49 -7.80 1.99
N GLY B 183 1.78 -8.47 1.09
CA GLY B 183 0.48 -9.00 1.45
C GLY B 183 -0.61 -8.46 0.55
N VAL B 184 -0.23 -8.07 -0.66
CA VAL B 184 -1.18 -7.56 -1.63
C VAL B 184 -1.20 -8.49 -2.83
N LEU B 185 -2.25 -8.37 -3.64
CA LEU B 185 -2.32 -9.19 -4.83
C LEU B 185 -1.34 -8.68 -5.88
N LEU B 186 -0.96 -9.57 -6.79
CA LEU B 186 -0.05 -9.18 -7.86
C LEU B 186 -0.73 -8.25 -8.86
N GLY B 187 -2.01 -8.47 -9.12
CA GLY B 187 -2.73 -7.67 -10.10
C GLY B 187 -2.95 -6.23 -9.71
N ASN B 188 -2.77 -5.92 -8.43
CA ASN B 188 -2.87 -4.55 -7.96
C ASN B 188 -1.52 -3.86 -7.86
N ALA B 189 -0.45 -4.54 -8.24
CA ALA B 189 0.88 -3.98 -8.02
C ALA B 189 1.26 -2.93 -9.04
N PHE B 190 0.44 -2.69 -10.06
CA PHE B 190 0.81 -1.75 -11.11
C PHE B 190 0.51 -0.31 -10.75
N VAL B 191 0.06 -0.01 -9.54
CA VAL B 191 -0.08 1.39 -9.16
C VAL B 191 1.25 1.98 -8.72
N TYR B 192 2.25 1.16 -8.46
CA TYR B 192 3.61 1.64 -8.32
C TYR B 192 4.13 2.08 -9.68
N PRO B 193 5.18 2.89 -9.73
CA PRO B 193 5.87 3.11 -11.01
C PRO B 193 6.51 1.82 -11.51
N HIS B 194 6.28 1.52 -12.77
CA HIS B 194 6.64 0.21 -13.31
C HIS B 194 7.00 0.34 -14.78
N GLN B 195 7.45 -0.78 -15.35
CA GLN B 195 7.74 -0.89 -16.77
C GLN B 195 7.78 -2.37 -17.11
N ILE B 196 7.13 -2.75 -18.20
CA ILE B 196 6.89 -4.15 -18.52
C ILE B 196 7.77 -4.54 -19.68
N ILE B 197 8.76 -5.39 -19.42
CA ILE B 197 9.61 -5.93 -20.48
C ILE B 197 8.81 -7.01 -21.19
N ASN B 198 8.20 -6.64 -22.32
CA ASN B 198 7.56 -7.60 -23.19
C ASN B 198 8.62 -8.09 -24.17
N LEU B 199 8.97 -9.38 -24.10
CA LEU B 199 10.01 -9.92 -24.96
C LEU B 199 9.62 -10.00 -26.42
N ARG B 200 8.36 -9.75 -26.76
CA ARG B 200 7.95 -9.77 -28.15
C ARG B 200 8.51 -8.59 -28.92
N THR B 201 8.44 -7.39 -28.34
CA THR B 201 8.88 -6.18 -29.04
C THR B 201 10.26 -5.71 -28.60
N ASN B 202 10.42 -5.37 -27.33
CA ASN B 202 11.64 -4.72 -26.86
C ASN B 202 12.40 -5.59 -25.86
N ASN B 203 13.66 -5.24 -25.66
CA ASN B 203 14.55 -6.02 -24.80
C ASN B 203 15.10 -5.25 -23.62
N SER B 204 15.01 -3.92 -23.63
CA SER B 204 15.53 -3.09 -22.57
C SER B 204 14.41 -2.29 -21.92
N ALA B 205 14.71 -1.77 -20.74
CA ALA B 205 13.75 -0.96 -20.00
C ALA B 205 14.51 -0.08 -19.03
N THR B 206 13.87 1.01 -18.63
CA THR B 206 14.52 1.93 -17.71
C THR B 206 13.48 2.69 -16.91
N ILE B 207 13.86 3.04 -15.68
CA ILE B 207 13.01 3.77 -14.74
C ILE B 207 13.90 4.77 -14.02
N VAL B 208 13.45 6.02 -13.93
CA VAL B 208 14.14 7.06 -13.18
C VAL B 208 13.40 7.28 -11.87
N LEU B 209 14.09 7.13 -10.75
CA LEU B 209 13.47 7.26 -9.44
C LEU B 209 13.96 8.51 -8.73
N PRO B 210 13.06 9.36 -8.24
CA PRO B 210 13.49 10.48 -7.40
C PRO B 210 13.56 10.07 -5.94
N TYR B 211 14.07 10.97 -5.12
CA TYR B 211 14.21 10.70 -3.70
C TYR B 211 12.89 10.95 -2.99
N VAL B 212 12.32 9.90 -2.41
CA VAL B 212 11.05 9.98 -1.70
C VAL B 212 11.26 9.48 -0.28
N ASN B 213 11.08 10.37 0.70
CA ASN B 213 11.17 10.01 2.11
C ASN B 213 10.42 11.06 2.90
N ALA B 214 10.05 10.68 4.14
CA ALA B 214 9.36 11.62 5.02
C ALA B 214 10.27 12.79 5.40
N MET B 215 11.55 12.53 5.60
CA MET B 215 12.46 13.60 5.92
C MET B 215 12.86 14.33 4.65
N ALA B 216 13.69 15.36 4.80
CA ALA B 216 14.34 15.93 3.64
C ALA B 216 15.61 15.18 3.27
N ILE B 217 16.20 14.48 4.24
CA ILE B 217 17.48 13.82 4.06
C ILE B 217 17.61 12.81 5.20
N ASP B 218 18.23 11.67 4.91
CA ASP B 218 18.19 10.55 5.84
C ASP B 218 19.48 9.75 5.76
N SER B 219 19.75 8.99 6.81
CA SER B 219 20.82 8.00 6.79
C SER B 219 20.46 6.88 5.83
N MET B 220 21.50 6.20 5.34
CA MET B 220 21.32 5.13 4.38
C MET B 220 21.74 3.78 4.91
N VAL B 221 22.40 3.72 6.06
CA VAL B 221 22.80 2.43 6.62
C VAL B 221 21.59 1.72 7.21
N LYS B 222 20.81 2.43 8.02
CA LYS B 222 19.68 1.86 8.72
C LYS B 222 18.36 2.08 7.99
N HIS B 223 18.40 2.43 6.71
CA HIS B 223 17.18 2.73 5.97
C HIS B 223 17.35 2.26 4.53
N ASN B 224 16.24 1.87 3.91
CA ASN B 224 16.24 1.49 2.50
C ASN B 224 15.03 2.11 1.82
N ASN B 225 15.29 2.95 0.82
CA ASN B 225 14.20 3.68 0.16
C ASN B 225 13.44 2.78 -0.80
N TRP B 226 14.12 2.29 -1.83
CA TRP B 226 13.47 1.60 -2.93
C TRP B 226 13.79 0.12 -2.90
N GLY B 227 12.83 -0.68 -3.33
CA GLY B 227 13.06 -2.10 -3.51
C GLY B 227 12.64 -2.49 -4.90
N ILE B 228 13.56 -3.05 -5.68
CA ILE B 228 13.27 -3.41 -7.05
C ILE B 228 12.81 -4.85 -7.07
N ALA B 229 11.58 -5.06 -7.51
CA ALA B 229 11.00 -6.39 -7.62
C ALA B 229 10.83 -6.74 -9.08
N ILE B 230 11.33 -7.91 -9.47
CA ILE B 230 11.20 -8.41 -10.83
C ILE B 230 10.37 -9.67 -10.79
N LEU B 231 9.25 -9.65 -11.51
CA LEU B 231 8.28 -10.72 -11.50
C LEU B 231 8.11 -11.28 -12.90
N PRO B 232 8.21 -12.58 -13.09
CA PRO B 232 7.92 -13.16 -14.40
C PRO B 232 6.42 -13.25 -14.63
N LEU B 233 5.91 -12.43 -15.54
CA LEU B 233 4.47 -12.42 -15.78
C LEU B 233 4.04 -13.63 -16.59
N SER B 234 4.83 -14.04 -17.57
CA SER B 234 4.60 -15.31 -18.23
C SER B 234 5.95 -16.03 -18.32
N PRO B 235 6.00 -17.32 -18.00
CA PRO B 235 7.28 -18.02 -18.02
C PRO B 235 7.77 -18.23 -19.44
N LEU B 236 9.08 -18.20 -19.60
CA LEU B 236 9.68 -18.37 -20.91
C LEU B 236 9.52 -19.81 -21.36
N ASP B 237 8.96 -19.98 -22.55
CA ASP B 237 8.91 -21.27 -23.19
C ASP B 237 9.62 -21.15 -24.53
N PHE B 238 10.47 -22.12 -24.83
CA PHE B 238 11.15 -22.18 -26.10
C PHE B 238 10.29 -23.04 -27.03
N ALA B 239 10.83 -23.47 -28.18
CA ALA B 239 10.06 -24.24 -29.14
C ALA B 239 9.63 -25.59 -28.57
N GLN B 240 10.58 -26.45 -28.25
CA GLN B 240 10.25 -27.81 -27.84
C GLN B 240 10.89 -28.26 -26.54
N GLU B 241 11.94 -27.59 -26.07
CA GLU B 241 12.71 -28.10 -24.94
C GLU B 241 12.04 -27.74 -23.61
N SER B 242 12.72 -28.04 -22.50
CA SER B 242 12.18 -27.83 -21.18
C SER B 242 13.17 -27.19 -20.21
N SER B 243 14.40 -26.92 -20.63
CA SER B 243 15.39 -26.26 -19.78
C SER B 243 16.12 -25.24 -20.63
N VAL B 244 16.09 -23.98 -20.19
CA VAL B 244 16.59 -22.87 -20.99
C VAL B 244 16.94 -21.72 -20.05
N GLU B 245 18.08 -21.10 -20.32
CA GLU B 245 18.65 -20.09 -19.43
C GLU B 245 18.95 -18.83 -20.24
N ILE B 246 18.23 -17.75 -19.96
CA ILE B 246 18.65 -16.45 -20.47
C ILE B 246 18.96 -15.57 -19.25
N PRO B 247 19.84 -14.58 -19.38
CA PRO B 247 20.18 -13.76 -18.23
C PRO B 247 19.31 -12.51 -18.11
N ILE B 248 19.27 -11.97 -16.90
CA ILE B 248 18.64 -10.68 -16.61
C ILE B 248 19.65 -9.86 -15.82
N THR B 249 19.99 -8.68 -16.35
CA THR B 249 21.05 -7.84 -15.80
C THR B 249 20.50 -6.47 -15.45
N VAL B 250 20.72 -6.04 -14.21
CA VAL B 250 20.12 -4.82 -13.67
C VAL B 250 21.24 -3.80 -13.44
N THR B 251 21.02 -2.56 -13.84
CA THR B 251 22.00 -1.49 -13.72
C THR B 251 21.41 -0.33 -12.92
N ILE B 252 22.13 0.11 -11.89
CA ILE B 252 21.69 1.19 -11.01
C ILE B 252 22.77 2.26 -11.01
N ALA B 253 22.37 3.51 -11.19
CA ALA B 253 23.28 4.64 -11.06
C ALA B 253 22.66 5.72 -10.19
N PRO B 254 23.40 6.27 -9.24
CA PRO B 254 22.88 7.41 -8.49
C PRO B 254 22.90 8.68 -9.33
N MET B 255 21.98 9.59 -9.01
CA MET B 255 21.95 10.92 -9.60
C MET B 255 21.75 11.96 -8.50
N CYS B 256 22.49 13.07 -8.63
CA CYS B 256 22.39 14.24 -7.75
C CYS B 256 22.63 13.89 -6.29
N SER B 257 23.49 12.91 -6.04
CA SER B 257 23.69 12.44 -4.69
C SER B 257 24.57 13.39 -3.90
N GLU B 258 24.30 13.48 -2.60
CA GLU B 258 25.06 14.34 -1.73
C GLU B 258 25.02 13.78 -0.32
N PHE B 259 26.05 14.09 0.46
CA PHE B 259 26.19 13.57 1.80
C PHE B 259 26.57 14.69 2.75
N ASN B 260 26.58 14.38 4.04
CA ASN B 260 26.86 15.38 5.06
C ASN B 260 27.21 14.66 6.35
N GLY B 261 27.94 15.36 7.22
CA GLY B 261 28.22 14.82 8.53
C GLY B 261 29.21 13.66 8.55
N LEU B 262 30.49 13.95 8.35
CA LEU B 262 31.52 12.92 8.43
C LEU B 262 31.62 12.33 9.84
N ARG B 263 32.01 11.07 9.90
CA ARG B 263 32.32 10.42 11.16
C ARG B 263 33.37 9.35 10.88
N ASN B 264 33.68 8.54 11.88
CA ASN B 264 34.56 7.40 11.71
C ASN B 264 33.91 6.34 10.82
N VAL B 265 34.72 5.39 10.35
CA VAL B 265 34.22 4.35 9.47
C VAL B 265 33.37 3.37 10.26
N THR B 266 32.24 2.97 9.70
CA THR B 266 31.32 2.04 10.35
C THR B 266 31.15 0.83 9.45
N ALA B 267 31.60 -0.32 9.91
CA ALA B 267 31.48 -1.55 9.14
C ALA B 267 30.46 -2.46 9.79
N PRO B 268 29.27 -2.62 9.24
CA PRO B 268 28.30 -3.56 9.81
C PRO B 268 28.67 -4.99 9.46
N LYS B 269 28.29 -5.91 10.34
CA LYS B 269 28.60 -7.30 10.07
C LYS B 269 27.60 -7.90 9.10
N PHE B 270 28.05 -8.94 8.40
CA PHE B 270 27.22 -9.65 7.44
C PHE B 270 27.42 -11.15 7.63
N GLN B 271 27.30 -11.58 8.89
CA GLN B 271 27.54 -12.95 9.41
C GLN B 271 28.76 -13.69 8.86
N GLY C 1 -28.35 35.94 29.83
CA GLY C 1 -27.85 37.02 29.01
C GLY C 1 -28.29 36.88 27.57
N LEU C 2 -28.87 35.72 27.26
CA LEU C 2 -29.34 35.43 25.92
C LEU C 2 -30.33 34.27 26.01
N PRO C 3 -31.51 34.41 25.46
CA PRO C 3 -32.51 33.34 25.57
C PRO C 3 -32.27 32.18 24.61
N VAL C 4 -31.43 31.23 25.01
CA VAL C 4 -31.13 30.09 24.17
C VAL C 4 -32.25 29.06 24.28
N LEU C 5 -32.22 28.06 23.41
CA LEU C 5 -33.17 26.95 23.45
C LEU C 5 -32.48 25.74 22.87
N ASN C 6 -32.59 24.60 23.56
CA ASN C 6 -32.01 23.37 23.06
C ASN C 6 -32.85 22.86 21.90
N THR C 7 -32.30 22.96 20.69
CA THR C 7 -32.92 22.35 19.54
C THR C 7 -32.88 20.83 19.67
N PRO C 8 -33.81 20.11 19.05
CA PRO C 8 -33.75 18.65 19.04
C PRO C 8 -32.52 18.18 18.29
N GLY C 9 -31.71 17.38 18.96
CA GLY C 9 -30.51 16.85 18.36
C GLY C 9 -29.26 17.20 19.13
N SER C 10 -29.41 17.47 20.41
CA SER C 10 -28.25 17.77 21.24
C SER C 10 -27.68 16.49 21.83
N ASN C 11 -26.41 16.59 22.24
CA ASN C 11 -25.69 15.54 22.97
C ASN C 11 -25.61 14.22 22.22
N GLN C 12 -25.56 14.28 20.90
CA GLN C 12 -25.43 13.09 20.08
C GLN C 12 -24.09 13.12 19.36
N TYR C 13 -23.31 12.07 19.49
CA TYR C 13 -22.05 12.02 18.77
C TYR C 13 -22.30 11.40 17.42
N LEU C 14 -22.46 12.24 16.41
CA LEU C 14 -22.58 11.74 15.05
C LEU C 14 -21.19 11.44 14.51
N THR C 15 -21.06 10.28 13.86
CA THR C 15 -19.76 9.86 13.35
C THR C 15 -19.29 10.67 12.15
N SER C 16 -20.16 11.47 11.53
CA SER C 16 -19.81 12.25 10.36
C SER C 16 -20.24 13.69 10.60
N ASP C 17 -19.34 14.50 11.15
CA ASP C 17 -19.67 15.89 11.42
C ASP C 17 -18.41 16.74 11.32
N ASN C 18 -18.63 18.05 11.23
CA ASN C 18 -17.54 19.02 11.14
C ASN C 18 -17.77 20.15 12.14
N TYR C 19 -18.09 19.80 13.38
CA TYR C 19 -18.20 20.82 14.41
C TYR C 19 -16.81 21.24 14.88
N GLN C 20 -16.79 22.22 15.77
CA GLN C 20 -15.54 22.62 16.39
C GLN C 20 -15.22 21.68 17.54
N SER C 21 -14.04 21.86 18.14
CA SER C 21 -13.59 21.12 19.30
C SER C 21 -12.39 21.84 19.89
N PRO C 22 -12.23 21.87 21.21
CA PRO C 22 -11.08 22.53 21.80
C PRO C 22 -9.79 21.78 21.50
N CYS C 23 -8.69 22.53 21.50
CA CYS C 23 -7.38 21.97 21.20
C CYS C 23 -6.73 21.49 22.49
N ALA C 24 -6.25 20.24 22.48
CA ALA C 24 -5.65 19.68 23.69
C ALA C 24 -4.26 20.25 23.94
N ILE C 25 -3.50 20.49 22.87
CA ILE C 25 -2.14 20.99 23.04
C ILE C 25 -2.06 22.37 22.39
N PRO C 26 -2.23 23.44 23.16
CA PRO C 26 -2.26 24.78 22.57
C PRO C 26 -0.86 25.29 22.29
N GLU C 27 -0.82 26.40 21.55
CA GLU C 27 0.38 27.19 21.27
C GLU C 27 1.45 26.40 20.53
N PHE C 28 1.04 25.38 19.79
CA PHE C 28 1.96 24.40 19.25
C PHE C 28 2.51 24.87 17.92
N ASP C 29 3.72 24.44 17.61
CA ASP C 29 4.42 24.84 16.39
C ASP C 29 4.41 23.67 15.43
N VAL C 30 3.83 23.88 14.25
CA VAL C 30 3.67 22.82 13.27
C VAL C 30 4.94 22.74 12.44
N THR C 31 5.44 21.52 12.23
CA THR C 31 6.55 21.31 11.31
C THR C 31 6.10 21.63 9.88
N PRO C 32 6.82 22.49 9.16
CA PRO C 32 6.31 22.94 7.87
C PRO C 32 6.43 21.86 6.81
N PRO C 33 5.53 21.84 5.84
CA PRO C 33 5.54 20.76 4.85
C PRO C 33 6.60 20.95 3.78
N ILE C 34 7.02 19.83 3.20
CA ILE C 34 8.01 19.82 2.12
C ILE C 34 7.37 19.22 0.88
N ASP C 35 8.15 19.15 -0.20
CA ASP C 35 7.63 18.78 -1.52
C ASP C 35 7.92 17.30 -1.75
N ILE C 36 7.11 16.45 -1.12
CA ILE C 36 7.21 15.02 -1.36
C ILE C 36 6.63 14.69 -2.73
N PRO C 37 7.34 13.95 -3.58
CA PRO C 37 6.82 13.66 -4.92
C PRO C 37 5.67 12.66 -4.89
N GLY C 38 4.74 12.84 -5.82
CA GLY C 38 3.62 11.94 -5.92
C GLY C 38 2.48 12.34 -5.00
N GLU C 39 1.97 13.55 -5.18
CA GLU C 39 0.96 14.12 -4.29
C GLU C 39 -0.42 13.78 -4.80
N VAL C 40 -1.04 12.77 -4.20
CA VAL C 40 -2.40 12.40 -4.56
C VAL C 40 -3.34 13.43 -3.93
N LYS C 41 -3.98 14.24 -4.78
CA LYS C 41 -4.91 15.26 -4.31
C LYS C 41 -6.33 14.73 -4.20
N ASN C 42 -6.62 13.57 -4.79
CA ASN C 42 -8.00 13.13 -4.90
C ASN C 42 -8.02 11.63 -5.16
N MET C 43 -9.05 10.97 -4.65
CA MET C 43 -9.16 9.51 -4.75
C MET C 43 -9.42 9.01 -6.16
N MET C 44 -9.83 9.85 -7.07
CA MET C 44 -10.24 9.34 -8.37
C MET C 44 -9.06 9.17 -9.32
N GLU C 45 -7.85 9.49 -8.88
CA GLU C 45 -6.65 9.21 -9.66
C GLU C 45 -6.00 7.90 -9.29
N LEU C 46 -6.68 7.07 -8.49
CA LEU C 46 -6.24 5.71 -8.29
C LEU C 46 -6.98 4.72 -9.17
N ALA C 47 -8.26 4.95 -9.43
CA ALA C 47 -8.98 4.12 -10.38
C ALA C 47 -8.59 4.41 -11.83
N GLU C 48 -7.91 5.54 -12.06
CA GLU C 48 -7.40 5.89 -13.38
C GLU C 48 -6.00 5.35 -13.63
N ILE C 49 -5.62 4.27 -12.97
CA ILE C 49 -4.31 3.67 -13.12
C ILE C 49 -4.48 2.32 -13.79
N ASP C 50 -3.63 2.05 -14.78
CA ASP C 50 -3.59 0.77 -15.50
C ASP C 50 -3.26 -0.36 -14.54
N THR C 51 -4.23 -1.23 -14.24
CA THR C 51 -4.06 -2.31 -13.29
C THR C 51 -4.49 -3.63 -13.89
N MET C 52 -3.88 -4.72 -13.43
CA MET C 52 -4.12 -6.05 -13.96
C MET C 52 -5.33 -6.68 -13.30
N ILE C 53 -6.13 -7.39 -14.10
CA ILE C 53 -7.22 -8.18 -13.54
C ILE C 53 -6.83 -9.65 -13.52
N PRO C 54 -7.31 -10.42 -12.54
CA PRO C 54 -7.18 -11.88 -12.63
C PRO C 54 -8.37 -12.47 -13.38
N LEU C 55 -8.09 -13.45 -14.22
CA LEU C 55 -9.14 -14.00 -15.09
C LEU C 55 -9.40 -15.48 -14.84
N ASN C 56 -8.38 -16.31 -14.92
CA ASN C 56 -8.58 -17.76 -14.86
C ASN C 56 -8.74 -18.16 -13.40
N LEU C 57 -9.86 -18.81 -13.08
CA LEU C 57 -10.19 -19.19 -11.72
C LEU C 57 -10.64 -20.64 -11.63
N GLU C 58 -9.88 -21.56 -12.23
CA GLU C 58 -10.20 -22.97 -12.09
C GLU C 58 -9.85 -23.48 -10.70
N ASN C 59 -10.30 -24.70 -10.39
CA ASN C 59 -10.01 -25.33 -9.10
C ASN C 59 -8.54 -25.57 -8.91
N THR C 60 -7.81 -25.82 -10.00
CA THR C 60 -6.41 -26.20 -9.87
C THR C 60 -5.54 -24.98 -9.59
N LYS C 61 -5.80 -23.87 -10.26
CA LYS C 61 -4.85 -22.77 -10.28
C LYS C 61 -5.38 -21.48 -9.66
N ARG C 62 -6.51 -21.51 -8.95
CA ARG C 62 -6.91 -20.31 -8.24
C ARG C 62 -6.01 -20.09 -7.03
N ASN C 63 -5.78 -18.82 -6.71
CA ASN C 63 -4.90 -18.38 -5.63
C ASN C 63 -3.49 -18.95 -5.79
N THR C 64 -2.98 -18.85 -7.01
CA THR C 64 -1.64 -19.30 -7.36
C THR C 64 -1.04 -18.22 -8.25
N MET C 65 0.17 -18.44 -8.73
CA MET C 65 0.82 -17.47 -9.61
C MET C 65 0.11 -17.35 -10.94
N ASP C 66 -0.31 -18.48 -11.50
CA ASP C 66 -0.81 -18.54 -12.87
C ASP C 66 -2.27 -18.15 -13.02
N MET C 67 -2.87 -17.49 -12.03
CA MET C 67 -4.26 -17.10 -12.16
C MET C 67 -4.43 -15.76 -12.87
N TYR C 68 -3.34 -15.14 -13.31
CA TYR C 68 -3.43 -13.89 -14.03
C TYR C 68 -3.28 -14.04 -15.54
N ARG C 69 -2.77 -15.17 -16.01
CA ARG C 69 -2.54 -15.35 -17.43
C ARG C 69 -3.61 -16.25 -18.03
N VAL C 70 -3.92 -16.00 -19.30
CA VAL C 70 -4.94 -16.72 -20.03
C VAL C 70 -4.28 -17.43 -21.19
N THR C 71 -4.47 -18.74 -21.27
CA THR C 71 -3.82 -19.55 -22.29
C THR C 71 -4.68 -19.59 -23.54
N LEU C 72 -4.16 -19.07 -24.63
CA LEU C 72 -4.75 -19.22 -25.95
C LEU C 72 -3.78 -20.01 -26.80
N SER C 73 -4.29 -21.00 -27.53
CA SER C 73 -3.43 -21.99 -28.14
C SER C 73 -3.68 -22.07 -29.64
N ASP C 74 -3.05 -23.04 -30.27
CA ASP C 74 -3.23 -23.31 -31.69
C ASP C 74 -4.30 -24.36 -31.91
N SER C 75 -4.40 -25.33 -31.03
CA SER C 75 -5.39 -26.40 -31.12
C SER C 75 -6.75 -26.01 -30.55
N ALA C 76 -6.96 -24.73 -30.22
CA ALA C 76 -8.23 -24.29 -29.69
C ALA C 76 -9.28 -24.25 -30.79
N ASP C 77 -10.55 -24.16 -30.38
CA ASP C 77 -11.64 -24.10 -31.33
C ASP C 77 -11.75 -22.71 -31.93
N LEU C 78 -12.28 -22.66 -33.14
CA LEU C 78 -12.60 -21.40 -33.80
C LEU C 78 -14.01 -20.93 -33.51
N SER C 79 -14.75 -21.65 -32.68
CA SER C 79 -16.16 -21.35 -32.43
C SER C 79 -16.51 -21.35 -30.95
N GLN C 80 -15.53 -21.22 -30.08
CA GLN C 80 -15.78 -21.15 -28.66
C GLN C 80 -15.20 -19.86 -28.08
N PRO C 81 -15.85 -19.27 -27.09
CA PRO C 81 -15.31 -18.05 -26.49
C PRO C 81 -14.08 -18.34 -25.66
N ILE C 82 -13.19 -17.35 -25.60
CA ILE C 82 -11.95 -17.48 -24.84
C ILE C 82 -12.14 -17.11 -23.38
N LEU C 83 -12.72 -15.94 -23.13
CA LEU C 83 -12.96 -15.50 -21.76
C LEU C 83 -14.20 -14.63 -21.74
N CYS C 84 -14.97 -14.76 -20.66
CA CYS C 84 -16.23 -14.05 -20.54
C CYS C 84 -16.44 -13.64 -19.10
N PHE C 85 -16.89 -12.41 -18.90
CA PHE C 85 -17.17 -11.93 -17.55
C PHE C 85 -18.17 -10.77 -17.62
N SER C 86 -19.13 -10.78 -16.71
CA SER C 86 -20.09 -9.69 -16.62
C SER C 86 -19.43 -8.47 -16.00
N LEU C 87 -19.94 -7.30 -16.34
CA LEU C 87 -19.29 -6.05 -15.97
C LEU C 87 -19.94 -5.48 -14.71
N SER C 88 -19.73 -6.18 -13.60
CA SER C 88 -20.14 -5.68 -12.29
C SER C 88 -18.88 -5.35 -11.50
N PRO C 89 -18.47 -4.08 -11.44
CA PRO C 89 -17.12 -3.75 -10.98
C PRO C 89 -16.87 -3.93 -9.49
N ALA C 90 -17.85 -4.36 -8.71
CA ALA C 90 -17.58 -4.56 -7.29
C ALA C 90 -18.21 -5.82 -6.71
N SER C 91 -18.94 -6.60 -7.50
CA SER C 91 -19.55 -7.83 -7.01
C SER C 91 -19.12 -9.07 -7.76
N ASP C 92 -18.70 -8.94 -9.01
CA ASP C 92 -18.16 -10.08 -9.73
C ASP C 92 -16.77 -10.43 -9.18
N PRO C 93 -16.47 -11.71 -8.98
CA PRO C 93 -15.17 -12.07 -8.39
C PRO C 93 -13.99 -11.87 -9.32
N ARG C 94 -14.20 -11.70 -10.61
CA ARG C 94 -13.09 -11.43 -11.53
C ARG C 94 -12.79 -9.94 -11.66
N LEU C 95 -13.42 -9.10 -10.85
CA LEU C 95 -13.08 -7.68 -10.82
C LEU C 95 -13.00 -7.10 -9.42
N SER C 96 -13.50 -7.77 -8.39
CA SER C 96 -13.61 -7.15 -7.07
C SER C 96 -12.25 -6.95 -6.43
N HIS C 97 -11.29 -7.82 -6.74
CA HIS C 97 -9.95 -7.73 -6.18
C HIS C 97 -8.99 -7.08 -7.15
N THR C 98 -9.49 -6.13 -7.93
CA THR C 98 -8.67 -5.22 -8.71
C THR C 98 -8.71 -3.85 -8.03
N MET C 99 -7.70 -3.02 -8.32
CA MET C 99 -7.66 -1.66 -7.80
C MET C 99 -8.87 -0.84 -8.25
N LEU C 100 -9.41 -1.12 -9.42
CA LEU C 100 -10.70 -0.53 -9.80
C LEU C 100 -11.81 -1.06 -8.92
N GLY C 101 -11.76 -2.34 -8.57
CA GLY C 101 -12.74 -2.88 -7.64
C GLY C 101 -12.53 -2.40 -6.21
N GLU C 102 -11.28 -2.39 -5.77
CA GLU C 102 -10.95 -2.06 -4.37
C GLU C 102 -11.15 -0.60 -4.02
N VAL C 103 -11.55 0.25 -4.96
CA VAL C 103 -12.07 1.56 -4.63
C VAL C 103 -13.59 1.56 -4.62
N LEU C 104 -14.21 0.86 -5.58
CA LEU C 104 -15.65 0.81 -5.62
C LEU C 104 -16.28 -0.05 -4.55
N ASN C 105 -15.49 -0.83 -3.80
CA ASN C 105 -16.04 -1.46 -2.61
C ASN C 105 -16.44 -0.43 -1.57
N TYR C 106 -15.72 0.68 -1.51
CA TYR C 106 -16.00 1.73 -0.54
C TYR C 106 -17.10 2.67 -0.97
N TYR C 107 -17.82 2.37 -2.04
CA TYR C 107 -18.87 3.26 -2.49
C TYR C 107 -20.09 2.46 -2.88
N THR C 108 -21.21 3.16 -3.01
CA THR C 108 -22.46 2.55 -3.41
C THR C 108 -22.80 2.87 -4.84
N HIS C 109 -22.47 4.07 -5.30
CA HIS C 109 -22.83 4.50 -6.63
C HIS C 109 -21.57 4.86 -7.42
N TRP C 110 -21.64 4.65 -8.73
CA TRP C 110 -20.50 4.94 -9.58
C TRP C 110 -21.01 5.29 -10.97
N ALA C 111 -20.10 5.83 -11.78
CA ALA C 111 -20.43 6.28 -13.12
C ALA C 111 -19.14 6.47 -13.89
N GLY C 112 -19.27 6.49 -15.22
CA GLY C 112 -18.12 6.79 -16.05
C GLY C 112 -17.77 5.69 -17.03
N SER C 113 -16.99 6.05 -18.03
CA SER C 113 -16.60 5.12 -19.08
C SER C 113 -15.23 4.55 -18.75
N LEU C 114 -15.19 3.31 -18.28
CA LEU C 114 -13.92 2.66 -17.98
C LEU C 114 -13.38 1.97 -19.21
N LYS C 115 -12.06 2.00 -19.38
CA LYS C 115 -11.41 1.47 -20.57
C LYS C 115 -10.56 0.25 -20.25
N PHE C 116 -10.62 -0.74 -21.12
CA PHE C 116 -9.86 -1.97 -20.99
C PHE C 116 -8.56 -1.91 -21.78
N THR C 117 -7.70 -2.87 -21.52
CA THR C 117 -6.43 -3.00 -22.22
C THR C 117 -6.02 -4.47 -22.12
N PHE C 118 -5.54 -5.04 -23.21
CA PHE C 118 -4.96 -6.36 -23.17
C PHE C 118 -3.55 -6.32 -23.76
N LEU C 119 -2.77 -7.35 -23.44
CA LEU C 119 -1.36 -7.37 -23.79
C LEU C 119 -0.98 -8.80 -24.16
N PHE C 120 -0.62 -9.02 -25.43
CA PHE C 120 -0.25 -10.33 -25.92
C PHE C 120 1.26 -10.52 -25.77
N CYS C 121 1.66 -11.45 -24.92
CA CYS C 121 3.06 -11.66 -24.58
C CYS C 121 3.63 -12.88 -25.28
N GLY C 122 3.21 -13.13 -26.51
CA GLY C 122 3.68 -14.26 -27.28
C GLY C 122 4.95 -13.96 -28.05
N SER C 123 5.21 -14.80 -29.04
CA SER C 123 6.43 -14.70 -29.81
C SER C 123 6.35 -13.54 -30.81
N MET C 124 7.48 -13.27 -31.46
CA MET C 124 7.50 -12.26 -32.50
C MET C 124 6.87 -12.76 -33.79
N MET C 125 7.05 -14.03 -34.12
CA MET C 125 6.65 -14.51 -35.42
C MET C 125 5.16 -14.83 -35.50
N ALA C 126 4.54 -15.21 -34.41
CA ALA C 126 3.14 -15.63 -34.45
C ALA C 126 2.22 -14.42 -34.57
N THR C 127 1.22 -14.54 -35.42
CA THR C 127 0.25 -13.48 -35.63
C THR C 127 -1.17 -14.00 -35.38
N GLY C 128 -2.14 -13.18 -35.70
CA GLY C 128 -3.54 -13.52 -35.47
C GLY C 128 -4.36 -12.26 -35.28
N LYS C 129 -5.66 -12.47 -35.16
CA LYS C 129 -6.61 -11.38 -34.96
C LYS C 129 -7.60 -11.82 -33.90
N ILE C 130 -7.87 -10.96 -32.92
CA ILE C 130 -8.77 -11.27 -31.82
C ILE C 130 -9.88 -10.22 -31.79
N LEU C 131 -11.12 -10.67 -31.72
CA LEU C 131 -12.27 -9.79 -31.64
C LEU C 131 -12.80 -9.75 -30.21
N VAL C 132 -12.80 -8.58 -29.61
CA VAL C 132 -13.36 -8.35 -28.28
C VAL C 132 -14.60 -7.48 -28.43
N ALA C 133 -15.68 -7.84 -27.73
CA ALA C 133 -16.96 -7.18 -27.91
C ALA C 133 -17.59 -6.78 -26.58
N TYR C 134 -18.53 -5.85 -26.67
CA TYR C 134 -19.36 -5.43 -25.55
C TYR C 134 -20.81 -5.70 -25.90
N ALA C 135 -21.60 -6.09 -24.89
CA ALA C 135 -23.02 -6.35 -25.09
C ALA C 135 -23.78 -5.65 -23.96
N PRO C 136 -24.60 -4.65 -24.27
CA PRO C 136 -25.38 -4.01 -23.22
C PRO C 136 -26.46 -4.95 -22.71
N PRO C 137 -26.86 -4.82 -21.45
CA PRO C 137 -27.70 -5.85 -20.82
C PRO C 137 -29.13 -5.83 -21.35
N GLY C 138 -29.88 -6.84 -20.92
CA GLY C 138 -31.25 -7.01 -21.36
C GLY C 138 -31.44 -8.08 -22.42
N ALA C 139 -30.37 -8.70 -22.87
CA ALA C 139 -30.43 -9.77 -23.85
C ALA C 139 -29.90 -11.05 -23.24
N GLN C 140 -29.84 -12.10 -24.06
CA GLN C 140 -29.24 -13.33 -23.62
C GLN C 140 -27.72 -13.16 -23.62
N PRO C 141 -27.00 -13.95 -22.82
CA PRO C 141 -25.54 -13.86 -22.83
C PRO C 141 -24.98 -14.33 -24.16
N PRO C 142 -24.01 -13.62 -24.72
CA PRO C 142 -23.45 -14.02 -26.01
C PRO C 142 -22.57 -15.26 -25.84
N THR C 143 -22.75 -16.22 -26.74
CA THR C 143 -22.01 -17.47 -26.70
C THR C 143 -21.02 -17.62 -27.84
N SER C 144 -21.42 -17.30 -29.07
CA SER C 144 -20.56 -17.48 -30.22
C SER C 144 -20.43 -16.17 -31.00
N ARG C 145 -19.66 -16.24 -32.09
CA ARG C 145 -19.30 -15.06 -32.87
C ARG C 145 -20.48 -14.49 -33.64
N LYS C 146 -21.47 -15.33 -33.98
CA LYS C 146 -22.57 -14.89 -34.81
C LYS C 146 -23.48 -13.90 -34.08
N GLU C 147 -23.62 -14.04 -32.76
CA GLU C 147 -24.52 -13.20 -32.01
C GLU C 147 -23.80 -12.18 -31.13
N ALA C 148 -22.48 -12.10 -31.23
CA ALA C 148 -21.72 -11.18 -30.40
C ALA C 148 -21.19 -9.98 -31.15
N MET C 149 -21.01 -10.08 -32.46
CA MET C 149 -20.47 -8.99 -33.26
C MET C 149 -21.45 -7.85 -33.47
N LEU C 150 -22.67 -7.95 -32.97
CA LEU C 150 -23.65 -6.90 -33.22
C LEU C 150 -23.38 -5.67 -32.38
N GLY C 151 -22.95 -5.85 -31.13
CA GLY C 151 -22.70 -4.74 -30.25
C GLY C 151 -21.40 -4.01 -30.59
N THR C 152 -20.96 -3.18 -29.65
CA THR C 152 -19.73 -2.43 -29.84
C THR C 152 -18.54 -3.37 -29.68
N HIS C 153 -17.69 -3.44 -30.71
CA HIS C 153 -16.60 -4.38 -30.71
C HIS C 153 -15.39 -3.79 -31.42
N VAL C 154 -14.23 -4.37 -31.15
CA VAL C 154 -12.96 -3.92 -31.68
C VAL C 154 -12.25 -5.12 -32.30
N ILE C 155 -11.99 -5.05 -33.61
CA ILE C 155 -11.16 -6.06 -34.26
C ILE C 155 -9.72 -5.74 -33.89
N TRP C 156 -9.18 -6.45 -32.90
CA TRP C 156 -7.85 -6.19 -32.43
C TRP C 156 -6.84 -7.08 -33.13
N ASP C 157 -5.73 -6.49 -33.54
CA ASP C 157 -4.73 -7.19 -34.32
C ASP C 157 -3.58 -7.61 -33.42
N LEU C 158 -2.69 -8.42 -33.96
CA LEU C 158 -1.50 -8.86 -33.24
C LEU C 158 -0.20 -8.58 -33.97
N GLY C 159 -0.23 -8.39 -35.28
CA GLY C 159 0.99 -8.23 -36.04
C GLY C 159 1.64 -6.88 -35.85
N LEU C 160 0.86 -5.81 -36.02
CA LEU C 160 1.44 -4.48 -35.99
C LEU C 160 1.70 -4.02 -34.56
N GLN C 161 0.64 -3.87 -33.77
CA GLN C 161 0.78 -3.52 -32.37
C GLN C 161 0.49 -4.75 -31.53
N SER C 162 0.66 -4.60 -30.22
CA SER C 162 0.46 -5.70 -29.29
C SER C 162 -0.35 -5.25 -28.09
N SER C 163 -1.18 -4.24 -28.25
CA SER C 163 -1.97 -3.70 -27.14
C SER C 163 -3.25 -3.08 -27.69
N CYS C 164 -4.39 -3.55 -27.21
CA CYS C 164 -5.66 -2.99 -27.62
C CYS C 164 -6.02 -1.81 -26.73
N THR C 165 -7.12 -1.16 -27.06
CA THR C 165 -7.70 -0.11 -26.22
C THR C 165 -9.18 -0.06 -26.53
N MET C 166 -10.03 -0.30 -25.54
CA MET C 166 -11.46 -0.40 -25.74
C MET C 166 -12.15 0.57 -24.78
N VAL C 167 -12.51 1.74 -25.27
CA VAL C 167 -13.23 2.70 -24.45
C VAL C 167 -14.68 2.24 -24.41
N VAL C 168 -15.05 1.49 -23.38
CA VAL C 168 -16.43 1.05 -23.24
C VAL C 168 -17.27 2.26 -22.84
N PRO C 169 -18.25 2.64 -23.64
CA PRO C 169 -18.97 3.90 -23.37
C PRO C 169 -19.91 3.81 -22.19
N TRP C 170 -20.66 4.88 -21.96
CA TRP C 170 -21.56 4.99 -20.81
C TRP C 170 -22.99 5.03 -21.33
N ILE C 171 -23.59 3.86 -21.47
CA ILE C 171 -24.96 3.71 -21.95
C ILE C 171 -25.76 3.15 -20.80
N SER C 172 -26.48 4.00 -20.07
CA SER C 172 -27.24 3.56 -18.93
C SER C 172 -28.57 4.28 -18.84
N ASN C 173 -29.59 3.55 -18.38
CA ASN C 173 -30.90 4.15 -18.18
C ASN C 173 -30.91 5.06 -16.96
N VAL C 174 -30.32 4.61 -15.87
CA VAL C 174 -30.19 5.43 -14.67
C VAL C 174 -28.97 6.32 -14.84
N THR C 175 -28.79 7.29 -13.95
CA THR C 175 -27.59 8.11 -14.00
C THR C 175 -26.43 7.42 -13.28
N TYR C 176 -26.66 6.92 -12.07
CA TYR C 176 -25.65 6.21 -11.31
C TYR C 176 -26.08 4.76 -11.14
N ARG C 177 -25.18 3.85 -11.43
CA ARG C 177 -25.43 2.43 -11.18
C ARG C 177 -24.94 2.06 -9.79
N GLN C 178 -25.32 0.88 -9.33
CA GLN C 178 -24.89 0.44 -8.02
C GLN C 178 -23.62 -0.41 -8.11
N THR C 179 -23.07 -0.73 -6.94
CA THR C 179 -21.87 -1.51 -6.83
C THR C 179 -22.14 -2.88 -6.22
N THR C 180 -23.36 -3.38 -6.33
CA THR C 180 -23.69 -4.70 -5.85
C THR C 180 -24.25 -5.53 -7.00
N GLN C 181 -24.31 -6.84 -6.78
CA GLN C 181 -24.92 -7.74 -7.75
C GLN C 181 -26.42 -7.58 -7.61
N ASP C 182 -26.97 -6.61 -8.33
CA ASP C 182 -28.40 -6.39 -8.40
C ASP C 182 -28.81 -6.49 -9.85
N SER C 183 -29.87 -7.26 -10.11
CA SER C 183 -30.24 -7.56 -11.49
C SER C 183 -30.87 -6.37 -12.20
N PHE C 184 -31.40 -5.39 -11.47
CA PHE C 184 -32.06 -4.28 -12.13
C PHE C 184 -31.06 -3.32 -12.77
N THR C 185 -29.94 -3.10 -12.12
CA THR C 185 -28.89 -2.23 -12.65
C THR C 185 -27.68 -3.11 -12.96
N GLU C 186 -27.66 -3.67 -14.15
CA GLU C 186 -26.60 -4.58 -14.56
C GLU C 186 -25.71 -3.89 -15.58
N GLY C 187 -24.41 -4.20 -15.53
CA GLY C 187 -23.45 -3.56 -16.39
C GLY C 187 -23.53 -3.98 -17.84
N GLY C 188 -23.33 -5.26 -18.10
CA GLY C 188 -23.32 -5.75 -19.46
C GLY C 188 -22.56 -7.06 -19.54
N TYR C 189 -21.92 -7.29 -20.67
CA TYR C 189 -21.14 -8.50 -20.89
C TYR C 189 -19.92 -8.18 -21.73
N ILE C 190 -18.88 -8.98 -21.55
CA ILE C 190 -17.61 -8.83 -22.28
C ILE C 190 -17.21 -10.21 -22.78
N SER C 191 -16.93 -10.31 -24.08
CA SER C 191 -16.56 -11.58 -24.66
C SER C 191 -15.44 -11.38 -25.67
N MET C 192 -14.56 -12.36 -25.76
CA MET C 192 -13.45 -12.35 -26.70
C MET C 192 -13.49 -13.61 -27.54
N PHE C 193 -13.30 -13.45 -28.85
CA PHE C 193 -13.41 -14.54 -29.79
C PHE C 193 -12.23 -14.53 -30.75
N TYR C 194 -11.86 -15.71 -31.22
CA TYR C 194 -10.89 -15.81 -32.29
C TYR C 194 -11.48 -15.27 -33.58
N GLN C 195 -10.91 -14.19 -34.11
CA GLN C 195 -11.24 -13.80 -35.47
C GLN C 195 -10.65 -14.78 -36.46
N THR C 196 -9.37 -15.10 -36.30
CA THR C 196 -8.70 -16.15 -37.06
C THR C 196 -7.98 -17.07 -36.10
N ARG C 197 -7.54 -18.21 -36.63
CA ARG C 197 -6.65 -19.09 -35.89
C ARG C 197 -5.28 -18.45 -35.76
N ILE C 198 -4.61 -18.72 -34.64
CA ILE C 198 -3.29 -18.16 -34.40
C ILE C 198 -2.30 -18.85 -35.32
N VAL C 199 -1.87 -18.16 -36.38
CA VAL C 199 -0.88 -18.73 -37.29
C VAL C 199 0.47 -18.73 -36.60
N VAL C 200 1.07 -19.91 -36.46
CA VAL C 200 2.33 -20.09 -35.77
C VAL C 200 3.26 -20.88 -36.68
N PRO C 201 4.42 -20.35 -37.05
CA PRO C 201 5.38 -21.13 -37.82
C PRO C 201 6.03 -22.19 -36.95
N LEU C 202 6.64 -23.18 -37.59
CA LEU C 202 7.24 -24.27 -36.87
C LEU C 202 8.50 -23.80 -36.13
N SER C 203 8.91 -24.61 -35.14
CA SER C 203 9.95 -24.28 -34.16
C SER C 203 9.63 -22.98 -33.44
N THR C 204 8.52 -22.99 -32.70
CA THR C 204 7.94 -21.89 -31.95
C THR C 204 6.95 -22.53 -30.98
N PRO C 205 6.86 -22.08 -29.73
CA PRO C 205 5.92 -22.70 -28.80
C PRO C 205 4.47 -22.51 -29.19
N LYS C 206 3.64 -23.47 -28.79
CA LYS C 206 2.24 -23.48 -29.18
C LYS C 206 1.34 -22.80 -28.15
N SER C 207 1.78 -22.70 -26.91
CA SER C 207 0.97 -22.14 -25.83
C SER C 207 1.39 -20.70 -25.60
N MET C 208 0.79 -19.80 -26.35
CA MET C 208 1.00 -18.38 -26.08
C MET C 208 0.16 -17.97 -24.88
N SER C 209 0.43 -16.77 -24.38
CA SER C 209 -0.24 -16.29 -23.19
C SER C 209 -0.71 -14.86 -23.40
N MET C 210 -1.77 -14.50 -22.68
CA MET C 210 -2.35 -13.16 -22.76
C MET C 210 -2.72 -12.70 -21.35
N LEU C 211 -2.33 -11.47 -21.02
CA LEU C 211 -2.69 -10.88 -19.75
C LEU C 211 -4.02 -10.14 -19.87
N GLY C 212 -4.36 -9.38 -18.83
CA GLY C 212 -5.59 -8.61 -18.85
C GLY C 212 -5.57 -7.42 -17.93
N PHE C 213 -5.88 -6.23 -18.45
CA PHE C 213 -5.81 -5.01 -17.66
C PHE C 213 -7.18 -4.37 -17.52
N VAL C 214 -7.24 -3.29 -16.75
CA VAL C 214 -8.46 -2.48 -16.62
C VAL C 214 -8.02 -1.08 -16.20
N SER C 215 -8.87 -0.10 -16.47
CA SER C 215 -8.55 1.30 -16.20
C SER C 215 -9.87 2.07 -16.05
N ALA C 216 -9.78 3.40 -16.09
CA ALA C 216 -10.96 4.27 -16.08
C ALA C 216 -10.56 5.62 -16.66
N CYS C 217 -11.44 6.19 -17.48
CA CYS C 217 -11.17 7.49 -18.10
C CYS C 217 -11.43 8.62 -17.12
N ASN C 218 -11.43 9.85 -17.62
CA ASN C 218 -11.53 11.03 -16.78
C ASN C 218 -12.97 11.40 -16.44
N ASP C 219 -13.95 10.67 -16.95
CA ASP C 219 -15.34 10.96 -16.66
C ASP C 219 -15.88 10.14 -15.51
N PHE C 220 -15.00 9.69 -14.62
CA PHE C 220 -15.31 8.67 -13.64
C PHE C 220 -15.64 9.32 -12.31
N SER C 221 -16.68 8.84 -11.64
CA SER C 221 -17.10 9.45 -10.40
C SER C 221 -17.85 8.45 -9.53
N VAL C 222 -17.74 8.63 -8.22
CA VAL C 222 -18.47 7.85 -7.23
C VAL C 222 -19.16 8.81 -6.27
N ARG C 223 -19.90 8.24 -5.32
CA ARG C 223 -20.49 8.99 -4.22
C ARG C 223 -20.89 8.00 -3.13
N LEU C 224 -21.32 8.56 -1.99
CA LEU C 224 -21.88 7.83 -0.84
C LEU C 224 -20.88 6.80 -0.30
N LEU C 225 -19.84 7.35 0.33
CA LEU C 225 -18.78 6.55 0.93
C LEU C 225 -19.32 5.58 1.98
N ARG C 226 -18.82 4.36 1.96
CA ARG C 226 -19.24 3.33 2.90
C ARG C 226 -18.03 2.48 3.24
N ASP C 227 -18.24 1.51 4.13
CA ASP C 227 -17.18 0.58 4.51
C ASP C 227 -17.36 -0.73 3.77
N THR C 228 -16.29 -1.53 3.73
CA THR C 228 -16.16 -2.62 2.78
C THR C 228 -16.31 -3.98 3.45
N THR C 229 -16.10 -5.04 2.65
CA THR C 229 -16.34 -6.41 3.09
C THR C 229 -15.14 -7.33 2.98
N HIS C 230 -14.09 -6.95 2.25
CA HIS C 230 -13.02 -7.89 1.94
C HIS C 230 -12.11 -8.19 3.11
N ILE C 231 -12.04 -7.31 4.09
CA ILE C 231 -11.21 -7.52 5.28
C ILE C 231 -12.05 -8.31 6.28
N SER C 232 -11.38 -8.97 7.21
CA SER C 232 -12.08 -9.73 8.23
C SER C 232 -11.25 -9.74 9.50
N GLN C 233 -11.93 -10.03 10.62
CA GLN C 233 -11.27 -10.17 11.91
C GLN C 233 -12.15 -11.04 12.79
N SER C 234 -11.72 -12.29 13.02
CA SER C 234 -12.45 -13.20 13.90
C SER C 234 -11.81 -13.21 15.28
N ALA C 235 -11.95 -12.09 15.97
CA ALA C 235 -11.40 -11.94 17.32
C ALA C 235 -12.27 -10.99 18.14
N ILE D 25 -26.37 30.24 -2.34
CA ILE D 25 -26.42 30.73 -0.96
C ILE D 25 -25.24 30.19 -0.16
N ASN D 26 -24.40 31.07 0.35
CA ASN D 26 -23.31 30.67 1.22
C ASN D 26 -23.77 30.67 2.67
N TYR D 27 -22.87 30.27 3.56
CA TYR D 27 -23.16 30.19 4.98
C TYR D 27 -22.12 30.98 5.76
N THR D 28 -22.27 30.99 7.08
CA THR D 28 -21.45 31.79 7.97
C THR D 28 -20.37 30.91 8.60
N THR D 29 -19.12 31.35 8.51
CA THR D 29 -17.98 30.58 8.99
C THR D 29 -17.13 31.46 9.88
N ILE D 30 -16.94 31.04 11.14
CA ILE D 30 -16.06 31.72 12.07
C ILE D 30 -15.23 30.66 12.79
N ASN D 31 -13.91 30.74 12.64
CA ASN D 31 -13.02 29.89 13.41
C ASN D 31 -12.97 30.43 14.83
N TYR D 32 -13.62 29.75 15.77
CA TYR D 32 -13.81 30.33 17.10
C TYR D 32 -12.60 30.15 18.02
N TYR D 33 -11.51 29.55 17.54
CA TYR D 33 -10.36 29.24 18.39
C TYR D 33 -9.09 29.83 17.80
N LYS D 34 -8.19 30.27 18.67
CA LYS D 34 -6.92 30.82 18.20
C LYS D 34 -6.02 29.74 17.64
N ASP D 35 -6.21 28.48 18.05
CA ASP D 35 -5.54 27.36 17.42
C ASP D 35 -5.96 27.22 15.96
N SER D 36 -5.04 26.76 15.13
CA SER D 36 -5.32 26.56 13.71
C SER D 36 -5.89 25.18 13.43
N ALA D 37 -5.37 24.15 14.08
CA ALA D 37 -5.73 22.77 13.76
C ALA D 37 -7.03 22.33 14.39
N SER D 38 -7.69 23.19 15.17
CA SER D 38 -8.97 22.86 15.76
C SER D 38 -10.15 23.37 14.93
N ASN D 39 -9.96 23.60 13.64
CA ASN D 39 -11.03 24.04 12.78
C ASN D 39 -11.70 22.84 12.13
N ALA D 40 -12.54 23.09 11.13
CA ALA D 40 -13.15 22.04 10.34
C ALA D 40 -12.85 22.28 8.86
N ALA D 41 -13.13 21.28 8.05
CA ALA D 41 -12.85 21.35 6.62
C ALA D 41 -13.82 22.28 5.90
CAA 9LW E . -5.28 16.08 26.68
CAM 9LW E . -5.36 14.84 26.68
OAV 9LW E . -5.73 13.77 26.08
NAT 9LW E . -5.44 13.75 24.76
CAD 9LW E . -4.92 13.33 23.83
CAY 9LW E . -3.91 13.13 22.92
CAJ 9LW E . -2.76 13.76 22.43
CAL 9LW E . -1.99 13.32 21.54
CAI 9LW E . -3.97 11.93 22.22
CAK 9LW E . -3.19 11.48 21.33
CAZ 9LW E . -2.05 12.09 20.84
OAW 9LW E . -1.11 11.82 19.93
CAN 9LW E . -1.43 11.38 18.73
CAO 9LW E . -1.43 10.54 17.90
CBB 9LW E . -1.41 9.95 16.66
CAB 9LW E . -0.98 10.87 15.79
CAP 9LW E . -1.18 8.73 16.01
CAQ 9LW E . -0.82 8.07 15.12
NBC 9LW E . -0.16 7.39 14.16
CAX 9LW E . 0.78 6.44 14.70
OAC 9LW E . 1.03 6.19 15.85
CAR 9LW E . -0.19 7.43 12.83
CAS 9LW E . 0.86 6.37 12.42
NBD 9LW E . 1.37 5.84 13.54
CBA 9LW E . 2.31 4.90 13.91
CAG 9LW E . 3.56 4.74 13.36
CAE 9LW E . 4.39 3.77 13.37
NAU 9LW E . 3.97 2.82 14.27
CAF 9LW E . 2.87 2.67 14.80
CAH 9LW E . 1.88 3.63 14.41
#